data_9J40
#
_entry.id   9J40
#
_cell.length_a   1.00
_cell.length_b   1.00
_cell.length_c   1.00
_cell.angle_alpha   90.00
_cell.angle_beta   90.00
_cell.angle_gamma   90.00
#
_symmetry.space_group_name_H-M   'P 1'
#
loop_
_entity.id
_entity.type
_entity.pdbx_description
1 polymer 'G protein-coupled receptor 155,Lysosomal cholesterol signaling protein fusion protein'
2 non-polymer '(2S)-3-(hexadecanoyloxy)-2-[(9Z)-octadec-9-enoyloxy]propyl 2-(trimethylammonio)ethyl phosphate'
3 non-polymer 3-SULFOOXY-1H-INDOLE
4 non-polymer CHOLESTEROL
5 non-polymer 2-acetamido-2-deoxy-beta-D-glucopyranose
6 non-polymer TRYPTOPHAN
#
_entity_poly.entity_id   1
_entity_poly.type   'polypeptide(L)'
_entity_poly.pdbx_seq_one_letter_code
;MNSNLPAENLTIAVNMTKTLPTAVTHGFNSTNDPPSMSITRLFPALLECFGIVLCGYIAGRANVITSTQAKGLGNFVSRF
ALPALLFKNMVVLNFSNVDWSFLYSILIAKASVFFIVCVLTLLVASPDSRFSKAGLFPIFATQSNDFALGYPIVEALYQT
TYPEYLQYIYLVAPISLMMLNPIGFIFCEIQKWKDTQNASQNKIKIVGLGLLRVLQNPIVFMVFIGIAFNFILDRKVPVY
VENFLDGLGNSFSGSALFYLGLTMVGKIKRLKKSAFVVLILLITAKLLVLPLLCREMVELLDKGDSVVNHTSLSNYAFLY
GVFPVAPGVAIFATQFNMEVEIITSGMVISTFVSAPIMYVSAWLLTFPTMDPKPLAYAIQNVSFDISIVSLISLIWSLAI
LLLSKKYKQLPHMLTTNLLIAQSIVCAGMMIWNFVKEKNFVGQILVFVLLYSSLYSTYLWTGLLAISLFLLKKRERVQIP
VGIIIISGWGIPALLVGVLLITGKHNGDSIDSAFFYGKEQMITTAVTLFCSILIAGISLMCMNQTAQAGSYEGFDQSQSH
KVVEPGNTAFEESPAPVNEPELFTSSIPETSCCSCSMGNGELHCPSIEPIANTSTSEPVIPSFEKNNHCVSRCNSQSCIL
AQEEEQYLQSGDQQLTRHVLLCLLLIIGLFANLSSCLWWLFNQEPGRLYVELQFFCAVFNFGQGFISFGIFGLDKHLIIL
PFKRRLEFLWNNKDTAENRDSPVSEEIKMTCQQFIHYHRDLCIRNIVKERRCGAKTSAGTFCGCDLVSWLIEVGLASDRG
EAVIYGDRLVQGGVIQHITNEYEFRDEYLFYRFLQKSPEQSPPAINANTLQQERYKEIEHSSPPSHSPKT
;
_entity_poly.pdbx_strand_id   B,A
#
# COMPACT_ATOMS: atom_id res chain seq x y z
N SER A 36 -0.37 -15.03 -28.79
CA SER A 36 -1.50 -14.15 -28.59
C SER A 36 -1.84 -14.04 -27.10
N MET A 37 -3.14 -14.03 -26.80
CA MET A 37 -3.64 -13.98 -25.43
C MET A 37 -3.13 -15.22 -24.67
N SER A 38 -2.39 -14.98 -23.59
CA SER A 38 -1.94 -16.01 -22.65
C SER A 38 -3.00 -16.30 -21.59
N ILE A 39 -4.17 -16.73 -22.07
CA ILE A 39 -5.36 -16.91 -21.22
C ILE A 39 -5.14 -18.01 -20.18
N THR A 40 -4.13 -18.87 -20.35
CA THR A 40 -3.81 -19.86 -19.32
C THR A 40 -3.51 -19.18 -17.99
N ARG A 41 -3.00 -17.94 -18.01
CA ARG A 41 -2.65 -17.24 -16.78
C ARG A 41 -3.55 -16.04 -16.56
N LEU A 42 -4.84 -16.18 -16.85
CA LEU A 42 -5.82 -15.13 -16.60
C LEU A 42 -6.63 -15.37 -15.34
N PHE A 43 -6.89 -16.64 -15.02
CA PHE A 43 -7.60 -16.98 -13.79
C PHE A 43 -6.83 -16.57 -12.53
N PRO A 44 -5.53 -16.86 -12.37
CA PRO A 44 -4.81 -16.36 -11.19
C PRO A 44 -4.88 -14.85 -11.03
N ALA A 45 -4.88 -14.11 -12.14
CA ALA A 45 -5.04 -12.66 -12.08
C ALA A 45 -6.44 -12.23 -11.66
N LEU A 46 -7.45 -13.09 -11.81
CA LEU A 46 -8.78 -12.77 -11.32
C LEU A 46 -9.02 -13.27 -9.90
N LEU A 47 -8.17 -14.15 -9.38
CA LEU A 47 -8.22 -14.57 -7.99
C LEU A 47 -7.58 -13.56 -7.05
N GLU A 48 -6.71 -12.70 -7.56
CA GLU A 48 -6.07 -11.66 -6.75
C GLU A 48 -6.93 -10.40 -6.67
N CYS A 49 -7.38 -9.91 -7.81
CA CYS A 49 -8.15 -8.67 -7.89
C CYS A 49 -9.43 -8.73 -7.05
N PHE A 50 -10.16 -9.84 -7.13
CA PHE A 50 -11.38 -10.01 -6.34
C PHE A 50 -11.16 -10.77 -5.04
N GLY A 51 -10.00 -11.41 -4.88
CA GLY A 51 -9.66 -11.97 -3.57
C GLY A 51 -9.40 -10.91 -2.51
N ILE A 52 -8.71 -9.83 -2.88
CA ILE A 52 -8.47 -8.74 -1.94
C ILE A 52 -9.75 -7.94 -1.69
N VAL A 53 -10.60 -7.79 -2.71
CA VAL A 53 -11.88 -7.10 -2.53
C VAL A 53 -12.76 -7.84 -1.53
N LEU A 54 -12.70 -9.17 -1.53
CA LEU A 54 -13.42 -9.96 -0.52
C LEU A 54 -12.91 -9.68 0.89
N CYS A 55 -11.59 -9.54 1.05
CA CYS A 55 -11.03 -9.22 2.37
C CYS A 55 -11.52 -7.87 2.87
N GLY A 56 -11.60 -6.89 1.98
CA GLY A 56 -12.14 -5.58 2.36
C GLY A 56 -13.59 -5.65 2.81
N TYR A 57 -14.38 -6.51 2.17
CA TYR A 57 -15.78 -6.66 2.56
C TYR A 57 -15.90 -7.35 3.91
N ILE A 58 -15.16 -8.44 4.09
CA ILE A 58 -15.24 -9.24 5.32
C ILE A 58 -14.83 -8.40 6.53
N ALA A 59 -13.73 -7.66 6.39
CA ALA A 59 -13.22 -6.80 7.45
C ALA A 59 -14.22 -5.72 7.82
N GLY A 60 -14.83 -5.10 6.80
CA GLY A 60 -15.78 -4.02 7.05
C GLY A 60 -17.01 -4.46 7.83
N ARG A 61 -17.60 -5.59 7.46
CA ARG A 61 -18.81 -6.01 8.18
C ARG A 61 -18.46 -6.59 9.55
N ALA A 62 -17.29 -7.21 9.67
CA ALA A 62 -16.80 -7.70 10.97
C ALA A 62 -16.64 -6.57 11.98
N ASN A 63 -16.71 -5.31 11.52
CA ASN A 63 -16.83 -4.07 12.29
C ASN A 63 -15.45 -3.62 12.78
N VAL A 64 -14.41 -4.29 12.26
CA VAL A 64 -13.03 -4.03 12.65
C VAL A 64 -12.63 -2.59 12.30
N ILE A 65 -12.96 -2.15 11.09
CA ILE A 65 -12.65 -0.81 10.60
C ILE A 65 -13.95 -0.15 10.17
N THR A 66 -14.53 0.64 11.07
CA THR A 66 -15.83 1.26 10.88
C THR A 66 -15.79 2.30 9.75
N SER A 67 -16.96 2.91 9.52
CA SER A 67 -17.13 3.87 8.42
C SER A 67 -16.24 5.11 8.59
N THR A 68 -16.15 5.64 9.81
CA THR A 68 -15.32 6.83 10.04
C THR A 68 -13.84 6.54 9.81
N GLN A 69 -13.34 5.41 10.33
CA GLN A 69 -11.95 5.04 10.13
C GLN A 69 -11.63 4.78 8.66
N ALA A 70 -12.59 4.22 7.92
CA ALA A 70 -12.43 3.95 6.49
C ALA A 70 -12.15 5.20 5.67
N LYS A 71 -12.65 6.36 6.09
CA LYS A 71 -12.38 7.60 5.36
C LYS A 71 -10.90 7.93 5.30
N GLY A 72 -10.13 7.55 6.33
CA GLY A 72 -8.70 7.82 6.30
C GLY A 72 -7.96 7.02 5.25
N LEU A 73 -8.33 5.75 5.07
CA LEU A 73 -7.71 4.95 4.02
C LEU A 73 -8.07 5.47 2.62
N GLY A 74 -9.24 6.10 2.47
CA GLY A 74 -9.56 6.72 1.19
C GLY A 74 -8.72 7.95 0.89
N ASN A 75 -8.46 8.78 1.89
CA ASN A 75 -7.69 10.01 1.68
C ASN A 75 -6.25 9.73 1.29
N PHE A 76 -5.64 8.69 1.86
CA PHE A 76 -4.28 8.30 1.50
C PHE A 76 -4.21 7.82 0.05
N VAL A 77 -5.13 6.94 -0.34
CA VAL A 77 -5.08 6.33 -1.67
C VAL A 77 -5.41 7.37 -2.75
N SER A 78 -6.46 8.15 -2.53
CA SER A 78 -6.96 9.06 -3.56
C SER A 78 -6.11 10.30 -3.78
N ARG A 79 -5.32 10.69 -2.78
CA ARG A 79 -4.55 11.93 -2.88
C ARG A 79 -3.04 11.74 -2.89
N PHE A 80 -2.54 10.59 -2.43
CA PHE A 80 -1.10 10.36 -2.36
C PHE A 80 -0.61 9.25 -3.28
N ALA A 81 -1.17 8.05 -3.19
CA ALA A 81 -0.65 6.94 -3.98
C ALA A 81 -0.99 7.11 -5.46
N LEU A 82 -2.24 7.45 -5.77
CA LEU A 82 -2.65 7.59 -7.17
C LEU A 82 -1.91 8.71 -7.90
N PRO A 83 -1.79 9.94 -7.37
CA PRO A 83 -1.02 10.97 -8.11
C PRO A 83 0.43 10.60 -8.39
N ALA A 84 1.06 9.81 -7.54
CA ALA A 84 2.45 9.40 -7.77
C ALA A 84 2.55 8.32 -8.85
N LEU A 85 1.52 7.49 -9.01
CA LEU A 85 1.56 6.45 -10.03
C LEU A 85 1.47 7.04 -11.44
N LEU A 86 0.53 7.95 -11.66
CA LEU A 86 0.38 8.58 -12.97
C LEU A 86 1.61 9.41 -13.34
N PHE A 87 2.15 10.16 -12.37
CA PHE A 87 3.24 11.08 -12.66
C PHE A 87 4.50 10.34 -13.14
N LYS A 88 4.82 9.21 -12.50
CA LYS A 88 5.99 8.44 -12.88
C LYS A 88 5.87 7.89 -14.29
N ASN A 89 4.74 7.23 -14.59
CA ASN A 89 4.55 6.56 -15.88
C ASN A 89 4.53 7.54 -17.05
N MET A 90 3.90 8.71 -16.87
CA MET A 90 3.84 9.71 -17.93
C MET A 90 5.23 10.24 -18.30
N VAL A 91 6.14 10.30 -17.34
CA VAL A 91 7.52 10.72 -17.60
C VAL A 91 8.22 9.75 -18.55
N VAL A 92 7.99 8.45 -18.40
CA VAL A 92 8.76 7.47 -19.16
C VAL A 92 8.16 7.11 -20.53
N LEU A 93 6.96 7.61 -20.86
CA LEU A 93 6.34 7.23 -22.14
C LEU A 93 7.19 7.74 -23.31
N ASN A 94 7.33 6.89 -24.32
CA ASN A 94 8.11 7.23 -25.52
C ASN A 94 7.12 7.50 -26.66
N PHE A 95 6.83 8.77 -26.90
CA PHE A 95 5.85 9.16 -27.91
C PHE A 95 6.28 8.90 -29.36
N SER A 96 6.67 7.67 -29.70
CA SER A 96 7.07 7.36 -31.07
C SER A 96 6.53 6.03 -31.57
N ASN A 97 6.18 5.09 -30.69
CA ASN A 97 5.76 3.74 -31.04
C ASN A 97 4.27 3.54 -30.79
N VAL A 98 3.54 4.61 -30.49
CA VAL A 98 2.12 4.52 -30.17
C VAL A 98 1.30 4.49 -31.45
N ASP A 99 0.48 3.46 -31.58
CA ASP A 99 -0.43 3.28 -32.71
C ASP A 99 -1.64 4.18 -32.47
N TRP A 100 -1.70 5.28 -33.21
CA TRP A 100 -2.74 6.28 -33.03
C TRP A 100 -4.09 5.81 -33.54
N SER A 101 -4.12 4.81 -34.43
CA SER A 101 -5.40 4.25 -34.87
C SER A 101 -6.17 3.66 -33.71
N PHE A 102 -5.50 2.91 -32.82
CA PHE A 102 -6.16 2.38 -31.63
C PHE A 102 -6.62 3.50 -30.71
N LEU A 103 -5.79 4.53 -30.55
CA LEU A 103 -6.10 5.64 -29.66
C LEU A 103 -7.31 6.42 -30.12
N TYR A 104 -7.40 6.71 -31.41
CA TYR A 104 -8.53 7.45 -31.98
C TYR A 104 -9.84 6.69 -31.91
N SER A 105 -9.80 5.36 -32.08
CA SER A 105 -11.02 4.55 -32.04
C SER A 105 -11.76 4.57 -30.69
N ILE A 106 -11.04 4.41 -29.58
CA ILE A 106 -11.69 4.41 -28.27
C ILE A 106 -12.31 5.76 -27.92
N LEU A 107 -11.60 6.87 -28.18
CA LEU A 107 -12.16 8.17 -27.81
C LEU A 107 -13.44 8.50 -28.56
N ILE A 108 -13.51 8.17 -29.84
CA ILE A 108 -14.75 8.38 -30.60
C ILE A 108 -15.88 7.51 -30.04
N ALA A 109 -15.57 6.24 -29.72
CA ALA A 109 -16.52 5.30 -29.14
C ALA A 109 -17.07 5.76 -27.80
N LYS A 110 -16.20 6.26 -26.93
CA LYS A 110 -16.64 6.75 -25.63
C LYS A 110 -17.56 7.96 -25.77
N ALA A 111 -17.26 8.82 -26.75
CA ALA A 111 -18.08 10.00 -26.99
C ALA A 111 -19.51 9.62 -27.39
N SER A 112 -19.66 8.62 -28.27
CA SER A 112 -20.98 8.21 -28.73
C SER A 112 -21.84 7.69 -27.58
N VAL A 113 -21.27 6.87 -26.70
CA VAL A 113 -22.02 6.34 -25.55
C VAL A 113 -22.48 7.48 -24.66
N PHE A 114 -21.61 8.48 -24.46
CA PHE A 114 -21.93 9.66 -23.66
C PHE A 114 -23.09 10.43 -24.29
N PHE A 115 -23.10 10.53 -25.62
CA PHE A 115 -24.10 11.34 -26.33
C PHE A 115 -25.51 10.76 -26.20
N ILE A 116 -25.67 9.45 -26.34
CA ILE A 116 -26.99 8.84 -26.33
C ILE A 116 -27.63 8.89 -24.95
N VAL A 117 -26.84 8.70 -23.89
CA VAL A 117 -27.41 8.69 -22.54
C VAL A 117 -27.90 10.08 -22.14
N CYS A 118 -27.14 11.12 -22.45
CA CYS A 118 -27.54 12.49 -22.09
C CYS A 118 -28.80 12.92 -22.83
N VAL A 119 -28.91 12.57 -24.12
CA VAL A 119 -30.03 13.04 -24.94
C VAL A 119 -31.35 12.51 -24.40
N LEU A 120 -31.43 11.20 -24.16
CA LEU A 120 -32.68 10.61 -23.68
C LEU A 120 -32.99 11.00 -22.25
N THR A 121 -31.96 11.30 -21.44
CA THR A 121 -32.20 11.73 -20.07
C THR A 121 -32.98 13.03 -20.01
N LEU A 122 -32.67 13.98 -20.89
CA LEU A 122 -33.39 15.25 -20.90
C LEU A 122 -34.85 15.07 -21.32
N LEU A 123 -35.11 14.10 -22.21
CA LEU A 123 -36.44 13.91 -22.78
C LEU A 123 -37.41 13.25 -21.81
N VAL A 124 -36.91 12.43 -20.88
CA VAL A 124 -37.78 11.58 -20.08
C VAL A 124 -37.83 12.01 -18.61
N ALA A 125 -36.73 12.50 -18.04
CA ALA A 125 -36.66 12.83 -16.62
C ALA A 125 -37.71 13.87 -16.22
N SER A 126 -38.12 13.82 -14.95
CA SER A 126 -39.14 14.72 -14.44
C SER A 126 -38.63 16.16 -14.48
N PRO A 127 -39.51 17.15 -14.70
CA PRO A 127 -39.05 18.54 -14.80
C PRO A 127 -38.32 19.08 -13.57
N ASP A 128 -38.74 18.72 -12.35
CA ASP A 128 -38.06 19.28 -11.20
C ASP A 128 -36.64 18.73 -11.05
N SER A 129 -36.42 17.49 -11.51
CA SER A 129 -35.11 16.85 -11.41
C SER A 129 -34.73 16.34 -12.79
N ARG A 130 -34.16 17.20 -13.63
CA ARG A 130 -33.78 16.80 -14.98
C ARG A 130 -32.33 17.17 -15.30
N PHE A 131 -31.87 18.31 -14.82
CA PHE A 131 -30.52 18.75 -15.13
C PHE A 131 -29.48 17.97 -14.33
N SER A 132 -29.80 17.62 -13.08
CA SER A 132 -28.91 16.83 -12.24
C SER A 132 -28.63 15.45 -12.83
N LYS A 133 -29.66 14.80 -13.40
CA LYS A 133 -29.47 13.47 -13.97
C LYS A 133 -28.65 13.50 -15.26
N ALA A 134 -28.90 14.47 -16.14
CA ALA A 134 -28.16 14.55 -17.39
C ALA A 134 -26.67 14.82 -17.18
N GLY A 135 -26.28 15.40 -16.05
CA GLY A 135 -24.90 15.68 -15.77
C GLY A 135 -24.09 14.53 -15.18
N LEU A 136 -24.79 13.53 -14.64
CA LEU A 136 -24.14 12.41 -13.96
C LEU A 136 -24.30 11.06 -14.64
N PHE A 137 -25.44 10.78 -15.28
CA PHE A 137 -25.64 9.50 -15.93
C PHE A 137 -24.62 9.22 -17.03
N PRO A 138 -24.37 10.12 -18.01
CA PRO A 138 -23.32 9.82 -19.01
C PRO A 138 -21.93 9.58 -18.43
N ILE A 139 -21.58 10.23 -17.31
CA ILE A 139 -20.33 9.94 -16.62
C ILE A 139 -20.33 8.53 -16.04
N PHE A 140 -21.48 8.06 -15.57
CA PHE A 140 -21.57 6.70 -15.02
C PHE A 140 -21.28 5.64 -16.07
N ALA A 141 -21.75 5.84 -17.29
CA ALA A 141 -21.69 4.83 -18.33
C ALA A 141 -20.41 4.87 -19.15
N THR A 142 -19.42 5.69 -18.78
CA THR A 142 -18.20 5.76 -19.58
C THR A 142 -16.89 5.74 -18.79
N GLN A 143 -16.90 5.79 -17.46
CA GLN A 143 -15.65 5.89 -16.70
C GLN A 143 -15.25 4.53 -16.14
N SER A 144 -14.38 3.84 -16.87
CA SER A 144 -13.94 2.49 -16.54
C SER A 144 -12.99 2.52 -15.34
N ASN A 145 -12.86 1.37 -14.67
CA ASN A 145 -11.89 1.16 -13.60
C ASN A 145 -10.57 0.63 -14.15
N ASP A 146 -9.84 1.46 -14.90
CA ASP A 146 -8.66 1.04 -15.62
C ASP A 146 -7.40 0.85 -14.79
N PHE A 147 -7.16 1.71 -13.80
CA PHE A 147 -5.91 1.62 -13.05
C PHE A 147 -5.91 0.48 -12.03
N ALA A 148 -6.99 0.38 -11.25
CA ALA A 148 -7.08 -0.62 -10.19
C ALA A 148 -7.24 -2.04 -10.72
N LEU A 149 -8.17 -2.23 -11.66
CA LEU A 149 -8.47 -3.57 -12.15
C LEU A 149 -7.93 -3.83 -13.55
N GLY A 150 -7.98 -2.83 -14.43
CA GLY A 150 -7.57 -3.05 -15.81
C GLY A 150 -6.11 -3.38 -16.00
N TYR A 151 -5.22 -2.64 -15.34
CA TYR A 151 -3.78 -2.84 -15.53
C TYR A 151 -3.28 -4.22 -15.08
N PRO A 152 -3.61 -4.73 -13.88
CA PRO A 152 -3.12 -6.08 -13.51
C PRO A 152 -3.54 -7.18 -14.46
N ILE A 153 -4.75 -7.13 -15.00
CA ILE A 153 -5.21 -8.16 -15.93
C ILE A 153 -4.55 -8.07 -17.30
N VAL A 154 -4.37 -6.88 -17.85
CA VAL A 154 -3.71 -6.73 -19.14
C VAL A 154 -2.26 -7.18 -19.06
N GLU A 155 -1.60 -6.93 -17.93
CA GLU A 155 -0.21 -7.33 -17.73
C GLU A 155 -0.06 -8.84 -17.75
N ALA A 156 -1.00 -9.55 -17.11
CA ALA A 156 -0.91 -11.02 -17.05
C ALA A 156 -0.99 -11.63 -18.43
N LEU A 157 -1.91 -11.14 -19.26
CA LEU A 157 -2.14 -11.68 -20.59
C LEU A 157 -1.08 -11.25 -21.60
N TYR A 158 -0.56 -10.03 -21.46
CA TYR A 158 0.21 -9.38 -22.51
C TYR A 158 1.65 -9.02 -22.14
N GLN A 159 2.15 -9.40 -20.97
CA GLN A 159 3.53 -9.02 -20.67
C GLN A 159 4.52 -9.73 -21.59
N THR A 160 4.31 -11.02 -21.86
CA THR A 160 5.34 -11.70 -22.62
C THR A 160 5.02 -11.68 -24.11
N THR A 161 3.75 -11.42 -24.44
CA THR A 161 3.25 -11.38 -25.80
C THR A 161 2.89 -9.93 -26.12
N TYR A 162 3.57 -9.35 -27.11
CA TYR A 162 3.29 -7.98 -27.56
C TYR A 162 3.41 -6.99 -26.40
N PRO A 163 4.63 -6.64 -26.00
CA PRO A 163 4.84 -5.73 -24.86
C PRO A 163 4.26 -4.32 -25.00
N GLU A 164 4.03 -3.83 -26.21
CA GLU A 164 3.49 -2.48 -26.40
C GLU A 164 2.04 -2.29 -25.98
N TYR A 165 1.29 -3.35 -25.66
CA TYR A 165 -0.09 -3.12 -25.26
C TYR A 165 -0.24 -2.56 -23.85
N LEU A 166 0.74 -2.76 -22.96
CA LEU A 166 0.60 -2.27 -21.59
C LEU A 166 0.55 -0.75 -21.55
N GLN A 167 1.35 -0.09 -22.39
CA GLN A 167 1.48 1.36 -22.38
C GLN A 167 0.20 2.09 -22.81
N TYR A 168 -0.71 1.41 -23.50
CA TYR A 168 -1.95 2.00 -23.96
C TYR A 168 -2.91 2.37 -22.84
N ILE A 169 -2.76 1.74 -21.66
CA ILE A 169 -3.64 2.05 -20.52
C ILE A 169 -3.44 3.49 -20.05
N TYR A 170 -2.20 3.96 -20.04
CA TYR A 170 -1.89 5.31 -19.56
C TYR A 170 -2.13 6.40 -20.60
N LEU A 171 -2.45 6.06 -21.84
CA LEU A 171 -2.80 7.08 -22.82
C LEU A 171 -4.30 7.29 -22.93
N VAL A 172 -5.07 6.19 -23.00
CA VAL A 172 -6.51 6.29 -23.20
C VAL A 172 -7.21 6.86 -21.98
N ALA A 173 -6.80 6.46 -20.78
CA ALA A 173 -7.48 6.92 -19.57
C ALA A 173 -7.40 8.42 -19.30
N PRO A 174 -6.22 9.07 -19.26
CA PRO A 174 -6.22 10.53 -18.99
C PRO A 174 -6.93 11.39 -20.02
N ILE A 175 -6.81 11.08 -21.32
CA ILE A 175 -7.43 11.92 -22.34
C ILE A 175 -8.96 11.87 -22.22
N SER A 176 -9.53 10.68 -22.00
CA SER A 176 -10.98 10.57 -21.86
C SER A 176 -11.48 11.34 -20.64
N LEU A 177 -10.74 11.28 -19.54
CA LEU A 177 -11.12 12.01 -18.34
C LEU A 177 -11.09 13.51 -18.56
N MET A 178 -10.10 13.99 -19.33
CA MET A 178 -9.93 15.42 -19.55
C MET A 178 -11.03 16.01 -20.43
N MET A 179 -11.52 15.24 -21.41
CA MET A 179 -12.41 15.76 -22.42
C MET A 179 -13.90 15.58 -22.12
N LEU A 180 -14.28 14.64 -21.26
CA LEU A 180 -15.69 14.38 -21.02
C LEU A 180 -16.20 14.82 -19.65
N ASN A 181 -15.43 14.62 -18.58
CA ASN A 181 -15.87 15.03 -17.25
C ASN A 181 -16.18 16.53 -17.12
N PRO A 182 -15.40 17.45 -17.69
CA PRO A 182 -15.73 18.93 -17.57
C PRO A 182 -17.12 19.29 -18.07
N ILE A 183 -17.59 18.60 -19.11
CA ILE A 183 -18.93 18.81 -19.65
C ILE A 183 -20.01 18.45 -18.64
N GLY A 184 -19.87 17.33 -17.94
CA GLY A 184 -20.88 16.95 -16.96
C GLY A 184 -21.01 17.93 -15.80
N PHE A 185 -19.88 18.41 -15.26
CA PHE A 185 -19.96 19.36 -14.15
C PHE A 185 -20.60 20.68 -14.57
N ILE A 186 -20.51 21.02 -15.86
CA ILE A 186 -21.17 22.23 -16.36
C ILE A 186 -22.68 22.11 -16.20
N PHE A 187 -23.24 20.94 -16.56
CA PHE A 187 -24.69 20.76 -16.52
C PHE A 187 -25.22 20.81 -15.10
N CYS A 188 -24.55 20.12 -14.18
CA CYS A 188 -25.00 20.08 -12.79
C CYS A 188 -24.98 21.47 -12.15
N GLU A 189 -23.93 22.25 -12.44
CA GLU A 189 -23.86 23.62 -11.95
C GLU A 189 -25.00 24.46 -12.49
N ILE A 190 -25.42 24.21 -13.73
CA ILE A 190 -26.58 24.90 -14.30
C ILE A 190 -27.83 24.60 -13.47
N GLN A 191 -27.99 23.36 -13.00
CA GLN A 191 -29.10 23.06 -12.11
C GLN A 191 -29.04 23.86 -10.82
N LYS A 192 -27.84 24.00 -10.25
CA LYS A 192 -27.73 24.81 -9.04
C LYS A 192 -28.10 26.26 -9.32
N TRP A 193 -27.66 26.78 -10.47
CA TRP A 193 -28.04 28.12 -10.89
C TRP A 193 -29.54 28.23 -11.14
N LYS A 194 -30.12 27.21 -11.80
CA LYS A 194 -31.55 27.24 -12.11
C LYS A 194 -32.39 27.24 -10.85
N ASP A 195 -32.05 26.38 -9.87
CA ASP A 195 -32.84 26.31 -8.66
C ASP A 195 -32.68 27.57 -7.83
N THR A 196 -31.58 28.30 -8.06
CA THR A 196 -31.31 29.56 -7.36
C THR A 196 -32.09 30.74 -7.92
N GLN A 197 -33.00 30.53 -8.88
CA GLN A 197 -33.85 31.59 -9.42
C GLN A 197 -32.97 32.57 -10.19
N ASN A 198 -32.43 32.15 -11.32
CA ASN A 198 -31.50 32.98 -12.09
C ASN A 198 -31.83 32.90 -13.57
N ALA A 199 -30.86 33.28 -14.39
CA ALA A 199 -31.00 33.32 -15.84
C ALA A 199 -29.70 32.96 -16.53
N SER A 200 -29.50 33.43 -17.76
CA SER A 200 -28.24 33.25 -18.47
C SER A 200 -27.18 34.28 -18.11
N GLN A 201 -27.27 34.82 -16.89
CA GLN A 201 -26.40 35.91 -16.48
C GLN A 201 -25.10 35.30 -15.96
N ASN A 202 -23.98 35.91 -16.36
CA ASN A 202 -22.63 35.47 -15.97
C ASN A 202 -22.35 34.08 -16.53
N LYS A 203 -22.46 33.97 -17.85
CA LYS A 203 -22.24 32.71 -18.57
C LYS A 203 -20.79 32.25 -18.43
N ILE A 204 -19.90 33.19 -18.15
CA ILE A 204 -18.49 32.90 -17.96
C ILE A 204 -18.30 32.09 -16.68
N LYS A 205 -18.99 32.49 -15.62
CA LYS A 205 -18.77 31.87 -14.32
C LYS A 205 -19.28 30.43 -14.25
N ILE A 206 -20.38 30.11 -14.95
CA ILE A 206 -20.81 28.71 -14.99
C ILE A 206 -19.78 27.84 -15.70
N VAL A 207 -19.24 28.30 -16.83
CA VAL A 207 -18.16 27.59 -17.52
C VAL A 207 -16.91 27.52 -16.65
N GLY A 208 -16.53 28.65 -16.04
CA GLY A 208 -15.37 28.67 -15.17
C GLY A 208 -15.49 27.79 -13.94
N LEU A 209 -16.70 27.71 -13.35
CA LEU A 209 -16.84 26.89 -12.15
C LEU A 209 -16.59 25.42 -12.45
N GLY A 210 -17.10 24.92 -13.58
CA GLY A 210 -16.85 23.54 -13.94
C GLY A 210 -15.39 23.23 -14.21
N LEU A 211 -14.72 24.13 -14.94
CA LEU A 211 -13.31 23.91 -15.26
C LEU A 211 -12.43 23.94 -14.01
N LEU A 212 -12.69 24.88 -13.10
CA LEU A 212 -11.85 25.00 -11.90
C LEU A 212 -11.95 23.77 -11.01
N ARG A 213 -13.15 23.20 -10.87
CA ARG A 213 -13.32 22.02 -10.01
C ARG A 213 -12.60 20.79 -10.56
N VAL A 214 -12.54 20.64 -11.87
CA VAL A 214 -11.83 19.52 -12.48
C VAL A 214 -10.33 19.62 -12.26
N LEU A 215 -9.77 20.82 -12.45
CA LEU A 215 -8.34 21.03 -12.27
C LEU A 215 -7.86 20.84 -10.83
N GLN A 216 -8.63 21.29 -9.83
CA GLN A 216 -8.13 21.08 -8.48
C GLN A 216 -8.14 19.64 -7.99
N ASN A 217 -8.77 18.71 -8.71
CA ASN A 217 -8.73 17.30 -8.33
C ASN A 217 -7.33 16.73 -8.43
N PRO A 218 -6.81 16.02 -7.40
CA PRO A 218 -5.44 15.50 -7.47
C PRO A 218 -5.20 14.46 -8.56
N ILE A 219 -5.74 14.64 -9.76
CA ILE A 219 -5.50 13.70 -10.86
C ILE A 219 -5.07 14.50 -12.08
N VAL A 220 -5.80 15.58 -12.36
CA VAL A 220 -5.55 16.41 -13.53
C VAL A 220 -4.25 17.16 -13.36
N PHE A 221 -3.99 17.71 -12.17
CA PHE A 221 -2.81 18.53 -11.96
C PHE A 221 -1.53 17.71 -12.13
N MET A 222 -1.52 16.45 -11.65
CA MET A 222 -0.30 15.67 -11.75
C MET A 222 -0.09 15.04 -13.13
N VAL A 223 -1.13 14.96 -13.97
CA VAL A 223 -0.92 14.49 -15.33
C VAL A 223 -0.27 15.59 -16.18
N PHE A 224 -0.72 16.84 -16.00
CA PHE A 224 -0.15 17.97 -16.72
C PHE A 224 1.32 18.16 -16.37
N ILE A 225 1.67 18.07 -15.08
CA ILE A 225 3.06 18.23 -14.67
C ILE A 225 3.94 17.13 -15.26
N GLY A 226 3.45 15.88 -15.24
CA GLY A 226 4.24 14.79 -15.80
C GLY A 226 4.51 14.93 -17.28
N ILE A 227 3.51 15.39 -18.05
CA ILE A 227 3.72 15.60 -19.49
C ILE A 227 4.71 16.74 -19.72
N ALA A 228 4.59 17.82 -18.93
CA ALA A 228 5.47 18.96 -19.06
C ALA A 228 6.92 18.61 -18.78
N PHE A 229 7.16 17.84 -17.72
CA PHE A 229 8.52 17.43 -17.37
C PHE A 229 9.08 16.36 -18.30
N ASN A 230 8.23 15.68 -19.09
CA ASN A 230 8.75 14.69 -20.01
C ASN A 230 9.64 15.30 -21.08
N PHE A 231 9.26 16.43 -21.65
CA PHE A 231 10.08 17.07 -22.67
C PHE A 231 11.24 17.85 -22.05
N ILE A 232 11.02 18.45 -20.90
CA ILE A 232 12.04 19.30 -20.28
C ILE A 232 13.23 18.47 -19.80
N LEU A 233 12.97 17.36 -19.13
CA LEU A 233 14.05 16.59 -18.52
C LEU A 233 14.59 15.48 -19.44
N ASP A 234 14.02 15.36 -20.64
CA ASP A 234 14.37 14.38 -21.67
C ASP A 234 14.21 12.94 -21.15
N ARG A 235 12.94 12.60 -20.88
CA ARG A 235 12.47 11.23 -20.64
C ARG A 235 13.25 10.40 -19.61
N LYS A 236 14.02 10.98 -18.69
CA LYS A 236 14.78 10.17 -17.75
C LYS A 236 14.55 10.71 -16.36
N VAL A 237 14.09 9.85 -15.45
CA VAL A 237 13.87 10.27 -14.06
C VAL A 237 15.17 10.41 -13.27
N PRO A 238 15.29 11.45 -12.44
CA PRO A 238 16.48 11.62 -11.59
C PRO A 238 16.66 10.47 -10.61
N VAL A 239 17.92 10.14 -10.32
CA VAL A 239 18.25 8.99 -9.48
C VAL A 239 17.70 9.16 -8.06
N TYR A 240 17.84 10.35 -7.48
CA TYR A 240 17.35 10.57 -6.11
C TYR A 240 15.83 10.43 -5.99
N VAL A 241 15.08 10.66 -7.07
CA VAL A 241 13.63 10.65 -6.96
C VAL A 241 12.96 9.40 -7.52
N GLU A 242 13.73 8.51 -8.19
CA GLU A 242 13.11 7.32 -8.78
C GLU A 242 12.52 6.43 -7.68
N ASN A 243 13.32 6.12 -6.66
CA ASN A 243 12.88 5.20 -5.61
C ASN A 243 11.78 5.80 -4.76
N PHE A 244 11.78 7.13 -4.58
CA PHE A 244 10.70 7.78 -3.82
C PHE A 244 9.36 7.61 -4.51
N LEU A 245 9.34 7.69 -5.85
CA LEU A 245 8.11 7.50 -6.60
C LEU A 245 7.65 6.05 -6.58
N ASP A 246 8.60 5.12 -6.60
CA ASP A 246 8.26 3.69 -6.63
C ASP A 246 7.67 3.22 -5.32
N GLY A 247 8.13 3.77 -4.19
CA GLY A 247 7.55 3.41 -2.91
C GLY A 247 6.09 3.78 -2.80
N LEU A 248 5.72 4.98 -3.26
CA LEU A 248 4.32 5.40 -3.26
C LEU A 248 3.52 4.76 -4.39
N GLY A 249 4.16 4.52 -5.54
CA GLY A 249 3.45 3.96 -6.68
C GLY A 249 2.98 2.53 -6.47
N ASN A 250 3.84 1.69 -5.89
CA ASN A 250 3.49 0.28 -5.71
C ASN A 250 2.49 0.04 -4.60
N SER A 251 2.32 0.99 -3.68
CA SER A 251 1.35 0.83 -2.60
C SER A 251 -0.09 1.10 -3.02
N PHE A 252 -0.31 1.56 -4.25
CA PHE A 252 -1.67 1.88 -4.70
C PHE A 252 -2.49 0.64 -4.98
N SER A 253 -1.91 -0.34 -5.67
CA SER A 253 -2.66 -1.49 -6.17
C SER A 253 -3.31 -2.29 -5.05
N GLY A 254 -2.54 -2.66 -4.02
CA GLY A 254 -3.10 -3.42 -2.92
C GLY A 254 -4.10 -2.66 -2.09
N SER A 255 -3.84 -1.37 -1.83
CA SER A 255 -4.69 -0.60 -0.93
C SER A 255 -5.96 -0.09 -1.61
N ALA A 256 -5.92 0.21 -2.92
CA ALA A 256 -7.12 0.64 -3.63
C ALA A 256 -8.17 -0.46 -3.69
N LEU A 257 -7.75 -1.70 -3.97
CA LEU A 257 -8.69 -2.83 -3.99
C LEU A 257 -9.29 -3.07 -2.60
N PHE A 258 -8.46 -3.02 -1.56
CA PHE A 258 -8.96 -3.25 -0.20
C PHE A 258 -9.99 -2.20 0.19
N TYR A 259 -9.70 -0.92 -0.08
CA TYR A 259 -10.65 0.13 0.25
C TYR A 259 -11.91 0.04 -0.59
N LEU A 260 -11.81 -0.49 -1.81
CA LEU A 260 -13.01 -0.70 -2.63
C LEU A 260 -13.98 -1.68 -1.99
N GLY A 261 -13.47 -2.78 -1.43
CA GLY A 261 -14.37 -3.70 -0.76
C GLY A 261 -15.05 -3.10 0.46
N LEU A 262 -14.32 -2.33 1.26
CA LEU A 262 -14.88 -1.76 2.49
C LEU A 262 -15.96 -0.69 2.24
N THR A 263 -16.00 -0.06 1.07
CA THR A 263 -16.97 1.01 0.84
C THR A 263 -18.32 0.50 0.36
N MET A 264 -18.39 -0.76 -0.03
CA MET A 264 -19.61 -1.37 -0.55
C MET A 264 -20.52 -1.93 0.54
N VAL A 265 -20.07 -1.93 1.79
CA VAL A 265 -20.74 -2.60 2.91
C VAL A 265 -22.07 -1.90 3.19
N GLY A 266 -23.18 -2.55 2.85
CA GLY A 266 -24.49 -2.03 3.21
C GLY A 266 -25.02 -0.90 2.36
N LYS A 267 -24.39 -0.59 1.23
CA LYS A 267 -24.78 0.56 0.43
C LYS A 267 -25.92 0.25 -0.54
N ILE A 268 -26.14 -1.01 -0.89
CA ILE A 268 -27.14 -1.37 -1.89
C ILE A 268 -28.54 -0.95 -1.43
N LYS A 269 -28.85 -1.10 -0.13
CA LYS A 269 -30.07 -0.56 0.48
C LYS A 269 -31.34 -1.15 -0.11
N ARG A 270 -32.51 -0.68 0.36
CA ARG A 270 -33.75 -1.08 -0.28
C ARG A 270 -33.95 -0.21 -1.52
N LEU A 271 -35.05 -0.41 -2.24
CA LEU A 271 -35.28 0.39 -3.44
C LEU A 271 -36.77 0.60 -3.66
N LYS A 272 -37.09 1.02 -4.87
CA LYS A 272 -38.40 1.43 -5.37
C LYS A 272 -38.46 0.94 -6.81
N LYS A 273 -39.65 0.89 -7.39
CA LYS A 273 -39.78 0.54 -8.81
C LYS A 273 -38.97 1.47 -9.72
N SER A 274 -39.27 2.77 -9.76
CA SER A 274 -38.87 3.56 -10.92
C SER A 274 -37.35 3.73 -10.95
N ALA A 275 -36.73 3.63 -9.78
CA ALA A 275 -35.28 3.61 -9.58
C ALA A 275 -34.59 2.46 -10.31
N PHE A 276 -34.88 1.23 -9.86
CA PHE A 276 -34.35 -0.02 -10.43
C PHE A 276 -34.42 -0.14 -11.95
N VAL A 277 -35.56 0.09 -12.58
CA VAL A 277 -35.61 0.02 -14.05
C VAL A 277 -34.56 0.93 -14.70
N VAL A 278 -34.33 2.12 -14.14
CA VAL A 278 -33.23 2.97 -14.60
C VAL A 278 -31.88 2.27 -14.45
N LEU A 279 -31.67 1.63 -13.30
CA LEU A 279 -30.42 0.92 -13.02
C LEU A 279 -30.19 -0.20 -14.02
N ILE A 280 -31.25 -0.86 -14.46
CA ILE A 280 -31.12 -1.98 -15.40
C ILE A 280 -30.51 -1.49 -16.71
N LEU A 281 -30.98 -0.35 -17.20
CA LEU A 281 -30.53 0.21 -18.48
C LEU A 281 -29.11 0.75 -18.38
N LEU A 282 -28.79 1.46 -17.31
CA LEU A 282 -27.47 2.09 -17.20
C LEU A 282 -26.31 1.08 -17.22
N ILE A 283 -26.43 0.00 -16.45
CA ILE A 283 -25.44 -1.08 -16.46
C ILE A 283 -25.34 -1.82 -17.81
N THR A 284 -26.45 -2.04 -18.52
CA THR A 284 -26.33 -2.65 -19.85
C THR A 284 -25.59 -1.75 -20.83
N ALA A 285 -25.80 -0.44 -20.74
CA ALA A 285 -25.13 0.52 -21.59
C ALA A 285 -23.62 0.46 -21.43
N LYS A 286 -23.12 0.46 -20.20
CA LYS A 286 -21.68 0.42 -19.99
C LYS A 286 -21.09 -0.92 -20.46
N LEU A 287 -21.53 -2.02 -19.87
CA LEU A 287 -20.94 -3.33 -20.11
C LEU A 287 -21.20 -3.93 -21.50
N LEU A 288 -22.39 -3.72 -22.07
CA LEU A 288 -22.74 -4.41 -23.31
C LEU A 288 -22.46 -3.56 -24.56
N VAL A 289 -23.12 -2.41 -24.68
CA VAL A 289 -23.09 -1.71 -25.97
C VAL A 289 -21.80 -0.90 -26.16
N LEU A 290 -21.09 -0.58 -25.09
CA LEU A 290 -19.80 0.09 -25.27
C LEU A 290 -18.76 -0.79 -25.96
N PRO A 291 -18.47 -2.04 -25.52
CA PRO A 291 -17.45 -2.84 -26.22
C PRO A 291 -17.75 -3.14 -27.69
N LEU A 292 -19.02 -3.30 -28.05
CA LEU A 292 -19.41 -3.54 -29.44
C LEU A 292 -19.04 -2.37 -30.35
N LEU A 293 -19.29 -1.13 -29.90
CA LEU A 293 -18.86 0.04 -30.67
C LEU A 293 -17.34 0.10 -30.77
N CYS A 294 -16.64 -0.21 -29.68
CA CYS A 294 -15.19 -0.15 -29.68
C CYS A 294 -14.59 -1.13 -30.69
N ARG A 295 -15.11 -2.36 -30.75
CA ARG A 295 -14.60 -3.34 -31.71
C ARG A 295 -14.92 -2.98 -33.16
N GLU A 296 -16.15 -2.56 -33.43
CA GLU A 296 -16.54 -2.27 -34.81
C GLU A 296 -15.73 -1.13 -35.42
N MET A 297 -15.54 -0.05 -34.67
CA MET A 297 -14.73 1.07 -35.14
C MET A 297 -13.26 0.69 -35.35
N VAL A 298 -12.68 -0.12 -34.47
CA VAL A 298 -11.30 -0.56 -34.65
C VAL A 298 -11.17 -1.36 -35.93
N GLU A 299 -12.18 -2.16 -36.26
CA GLU A 299 -12.21 -2.91 -37.51
C GLU A 299 -12.39 -1.99 -38.72
N LEU A 300 -12.94 -0.80 -38.49
CA LEU A 300 -13.20 0.12 -39.60
C LEU A 300 -12.01 1.01 -39.89
N LEU A 301 -11.26 1.41 -38.87
CA LEU A 301 -10.19 2.39 -39.08
C LEU A 301 -8.78 1.80 -39.25
N ASP A 302 -8.44 0.72 -38.56
CA ASP A 302 -7.11 0.13 -38.76
C ASP A 302 -6.95 -0.60 -40.09
N LYS A 303 -5.99 -0.15 -40.89
CA LYS A 303 -5.70 -0.73 -42.19
C LYS A 303 -4.22 -1.15 -42.18
N GLY A 304 -3.95 -2.36 -41.70
CA GLY A 304 -2.59 -2.88 -41.65
C GLY A 304 -2.46 -4.22 -42.34
N ASP A 305 -1.24 -4.49 -42.82
CA ASP A 305 -0.93 -5.72 -43.55
C ASP A 305 -0.67 -6.92 -42.64
N SER A 306 -0.60 -6.73 -41.32
CA SER A 306 -0.35 -7.83 -40.39
C SER A 306 -1.67 -8.36 -39.85
N VAL A 307 -2.04 -9.56 -40.28
CA VAL A 307 -3.30 -10.16 -39.84
C VAL A 307 -3.24 -10.50 -38.35
N VAL A 308 -2.12 -11.05 -37.88
CA VAL A 308 -1.99 -11.42 -36.47
C VAL A 308 -2.11 -10.20 -35.57
N ASN A 309 -1.42 -9.11 -35.94
CA ASN A 309 -1.56 -7.86 -35.20
C ASN A 309 -2.97 -7.31 -35.30
N HIS A 310 -3.61 -7.45 -36.47
CA HIS A 310 -4.99 -7.00 -36.65
C HIS A 310 -5.94 -7.77 -35.74
N THR A 311 -5.75 -9.08 -35.64
CA THR A 311 -6.62 -9.92 -34.80
C THR A 311 -6.46 -9.58 -33.33
N SER A 312 -5.21 -9.50 -32.85
CA SER A 312 -4.94 -9.18 -31.46
C SER A 312 -5.43 -7.78 -31.08
N LEU A 313 -5.21 -6.78 -31.95
CA LEU A 313 -5.66 -5.43 -31.64
C LEU A 313 -7.19 -5.36 -31.55
N SER A 314 -7.89 -6.07 -32.42
CA SER A 314 -9.35 -6.10 -32.34
C SER A 314 -9.84 -6.75 -31.06
N ASN A 315 -9.22 -7.86 -30.66
CA ASN A 315 -9.60 -8.53 -29.41
C ASN A 315 -9.29 -7.69 -28.17
N TYR A 316 -8.14 -7.01 -28.16
CA TYR A 316 -7.79 -6.19 -27.00
C TYR A 316 -8.77 -5.03 -26.81
N ALA A 317 -9.29 -4.49 -27.90
CA ALA A 317 -10.25 -3.39 -27.81
C ALA A 317 -11.54 -3.81 -27.11
N PHE A 318 -12.03 -5.03 -27.38
CA PHE A 318 -13.24 -5.51 -26.73
C PHE A 318 -13.06 -5.65 -25.22
N LEU A 319 -11.99 -6.30 -24.79
CA LEU A 319 -11.77 -6.54 -23.36
C LEU A 319 -11.61 -5.24 -22.57
N TYR A 320 -11.14 -4.17 -23.21
CA TYR A 320 -10.92 -2.91 -22.50
C TYR A 320 -12.22 -2.32 -21.98
N GLY A 321 -13.30 -2.37 -22.79
CA GLY A 321 -14.54 -1.72 -22.40
C GLY A 321 -15.33 -2.45 -21.33
N VAL A 322 -15.06 -3.73 -21.12
CA VAL A 322 -15.79 -4.55 -20.15
C VAL A 322 -15.53 -4.14 -18.70
N PHE A 323 -14.51 -3.32 -18.46
CA PHE A 323 -14.12 -2.96 -17.10
C PHE A 323 -15.26 -2.27 -16.33
N PRO A 324 -15.38 -2.53 -15.03
CA PRO A 324 -16.47 -1.95 -14.23
C PRO A 324 -16.33 -0.45 -14.04
N VAL A 325 -17.42 0.14 -13.55
CA VAL A 325 -17.47 1.59 -13.31
C VAL A 325 -16.45 1.97 -12.23
N ALA A 326 -15.72 3.05 -12.50
CA ALA A 326 -14.67 3.50 -11.59
C ALA A 326 -15.28 3.97 -10.27
N PRO A 327 -14.66 3.64 -9.13
CA PRO A 327 -15.21 4.09 -7.84
C PRO A 327 -15.21 5.60 -7.60
N GLY A 328 -14.43 6.38 -8.35
CA GLY A 328 -14.39 7.82 -8.17
C GLY A 328 -15.71 8.52 -8.45
N VAL A 329 -16.58 7.91 -9.26
CA VAL A 329 -17.88 8.50 -9.58
C VAL A 329 -18.73 8.65 -8.33
N ALA A 330 -18.76 7.62 -7.47
CA ALA A 330 -19.47 7.73 -6.20
C ALA A 330 -18.88 8.80 -5.29
N ILE A 331 -17.57 9.03 -5.34
CA ILE A 331 -16.97 10.14 -4.60
C ILE A 331 -17.53 11.46 -5.08
N PHE A 332 -17.67 11.63 -6.40
CA PHE A 332 -18.26 12.84 -6.97
C PHE A 332 -19.71 13.01 -6.53
N ALA A 333 -20.47 11.91 -6.49
CA ALA A 333 -21.85 11.97 -6.03
C ALA A 333 -21.93 12.36 -4.55
N THR A 334 -21.05 11.81 -3.71
CA THR A 334 -21.09 12.14 -2.29
C THR A 334 -20.78 13.61 -2.03
N GLN A 335 -19.77 14.16 -2.71
CA GLN A 335 -19.44 15.58 -2.58
C GLN A 335 -20.57 16.49 -3.05
N PHE A 336 -21.23 16.15 -4.17
CA PHE A 336 -22.33 16.99 -4.62
C PHE A 336 -23.63 16.74 -3.87
N ASN A 337 -23.77 15.61 -3.16
CA ASN A 337 -24.98 15.25 -2.43
C ASN A 337 -26.27 15.35 -3.26
N MET A 338 -26.41 14.55 -4.31
CA MET A 338 -27.61 14.63 -5.13
C MET A 338 -28.02 13.31 -5.77
N GLU A 339 -27.11 12.37 -5.99
CA GLU A 339 -27.46 11.07 -6.57
C GLU A 339 -26.67 9.94 -5.92
N VAL A 340 -26.42 10.04 -4.62
CA VAL A 340 -25.60 9.04 -3.92
C VAL A 340 -26.26 7.66 -3.95
N GLU A 341 -27.57 7.59 -3.73
CA GLU A 341 -28.23 6.27 -3.66
C GLU A 341 -28.16 5.50 -4.99
N ILE A 342 -28.43 6.17 -6.12
CA ILE A 342 -28.43 5.48 -7.40
C ILE A 342 -27.02 5.11 -7.86
N ILE A 343 -26.09 6.05 -7.79
CA ILE A 343 -24.72 5.83 -8.29
C ILE A 343 -23.97 4.79 -7.45
N THR A 344 -24.08 4.87 -6.13
CA THR A 344 -23.43 3.87 -5.27
C THR A 344 -23.98 2.47 -5.54
N SER A 345 -25.28 2.33 -5.70
CA SER A 345 -25.85 1.03 -6.04
C SER A 345 -25.35 0.55 -7.40
N GLY A 346 -25.22 1.47 -8.36
CA GLY A 346 -24.78 1.10 -9.68
C GLY A 346 -23.36 0.56 -9.73
N MET A 347 -22.44 1.23 -9.03
CA MET A 347 -21.03 0.81 -9.04
C MET A 347 -20.83 -0.55 -8.37
N VAL A 348 -21.58 -0.82 -7.30
CA VAL A 348 -21.45 -2.10 -6.59
C VAL A 348 -21.91 -3.26 -7.48
N ILE A 349 -23.08 -3.12 -8.10
CA ILE A 349 -23.62 -4.17 -8.96
C ILE A 349 -22.75 -4.35 -10.20
N SER A 350 -22.18 -3.26 -10.72
CA SER A 350 -21.37 -3.32 -11.93
C SER A 350 -20.12 -4.19 -11.75
N THR A 351 -19.49 -4.13 -10.58
CA THR A 351 -18.29 -4.92 -10.32
C THR A 351 -18.56 -6.44 -10.38
N PHE A 352 -19.62 -6.92 -9.75
CA PHE A 352 -19.92 -8.35 -9.73
C PHE A 352 -20.22 -8.92 -11.10
N VAL A 353 -21.06 -8.24 -11.88
CA VAL A 353 -21.44 -8.77 -13.19
C VAL A 353 -20.24 -8.81 -14.12
N SER A 354 -19.26 -7.93 -13.91
CA SER A 354 -18.11 -7.89 -14.82
C SER A 354 -17.24 -9.13 -14.69
N ALA A 355 -17.21 -9.77 -13.52
CA ALA A 355 -16.34 -10.92 -13.31
C ALA A 355 -16.65 -12.10 -14.24
N PRO A 356 -17.90 -12.60 -14.35
CA PRO A 356 -18.12 -13.70 -15.32
C PRO A 356 -18.01 -13.23 -16.76
N ILE A 357 -18.29 -11.96 -17.03
CA ILE A 357 -18.29 -11.46 -18.40
C ILE A 357 -16.87 -11.45 -18.97
N MET A 358 -15.89 -11.05 -18.18
CA MET A 358 -14.51 -11.02 -18.64
C MET A 358 -14.01 -12.42 -18.97
N TYR A 359 -14.36 -13.40 -18.13
CA TYR A 359 -13.95 -14.78 -18.34
C TYR A 359 -14.58 -15.43 -19.56
N VAL A 360 -15.90 -15.29 -19.71
CA VAL A 360 -16.61 -15.89 -20.84
C VAL A 360 -16.20 -15.25 -22.16
N SER A 361 -16.13 -13.91 -22.20
CA SER A 361 -15.77 -13.21 -23.42
C SER A 361 -14.35 -13.56 -23.89
N ALA A 362 -13.42 -13.68 -22.94
CA ALA A 362 -12.02 -13.92 -23.28
C ALA A 362 -11.84 -15.25 -24.01
N TRP A 363 -12.51 -16.30 -23.54
CA TRP A 363 -12.33 -17.61 -24.15
C TRP A 363 -13.17 -17.78 -25.42
N LEU A 364 -14.17 -16.92 -25.63
CA LEU A 364 -14.92 -17.00 -26.88
C LEU A 364 -14.17 -16.41 -28.06
N LEU A 365 -13.36 -15.37 -27.84
CA LEU A 365 -12.59 -14.82 -28.95
C LEU A 365 -11.41 -15.70 -29.32
N THR A 366 -10.88 -16.47 -28.36
CA THR A 366 -9.76 -17.36 -28.68
C THR A 366 -10.24 -18.74 -29.14
N PHE A 367 -11.55 -18.98 -29.22
CA PHE A 367 -11.94 -20.29 -29.71
C PHE A 367 -11.82 -20.54 -31.22
N PRO A 368 -12.05 -19.58 -32.13
CA PRO A 368 -12.24 -19.97 -33.52
C PRO A 368 -11.01 -20.52 -34.26
N THR A 369 -9.78 -20.30 -33.76
CA THR A 369 -8.55 -20.39 -34.53
C THR A 369 -7.59 -21.20 -33.66
N MET A 370 -7.73 -22.52 -33.69
CA MET A 370 -6.88 -23.46 -32.95
C MET A 370 -7.08 -24.85 -33.55
N ASP A 371 -6.56 -25.85 -32.85
CA ASP A 371 -6.56 -27.22 -33.33
C ASP A 371 -7.90 -27.85 -33.02
N PRO A 372 -8.17 -29.06 -33.52
CA PRO A 372 -9.24 -29.87 -32.92
C PRO A 372 -9.03 -30.26 -31.45
N LYS A 373 -7.93 -30.95 -31.13
CA LYS A 373 -7.90 -31.59 -29.82
C LYS A 373 -7.51 -30.62 -28.71
N PRO A 374 -6.51 -29.74 -28.89
CA PRO A 374 -6.37 -28.60 -27.95
C PRO A 374 -7.64 -27.82 -27.62
N LEU A 375 -8.64 -27.77 -28.52
CA LEU A 375 -9.93 -27.21 -28.10
C LEU A 375 -10.60 -28.04 -27.01
N ALA A 376 -10.38 -29.37 -26.99
CA ALA A 376 -11.09 -30.21 -26.05
C ALA A 376 -10.73 -29.84 -24.61
N TYR A 377 -9.44 -29.61 -24.38
CA TYR A 377 -8.93 -29.19 -23.07
C TYR A 377 -9.52 -27.85 -22.63
N ALA A 378 -9.83 -26.97 -23.59
CA ALA A 378 -10.43 -25.68 -23.27
C ALA A 378 -11.78 -25.83 -22.58
N ILE A 379 -12.66 -26.67 -23.12
CA ILE A 379 -13.95 -26.90 -22.47
C ILE A 379 -13.77 -27.57 -21.11
N GLN A 380 -12.85 -28.54 -21.03
CA GLN A 380 -12.58 -29.20 -19.76
C GLN A 380 -12.01 -28.22 -18.73
N ASN A 381 -11.05 -27.39 -19.14
CA ASN A 381 -10.40 -26.47 -18.21
C ASN A 381 -11.37 -25.41 -17.68
N VAL A 382 -12.20 -24.83 -18.57
CA VAL A 382 -13.16 -23.83 -18.16
C VAL A 382 -14.18 -24.41 -17.18
N SER A 383 -14.68 -25.61 -17.46
CA SER A 383 -15.61 -26.26 -16.55
C SER A 383 -14.95 -26.54 -15.20
N PHE A 384 -13.68 -26.93 -15.21
CA PHE A 384 -12.96 -27.16 -13.97
C PHE A 384 -12.82 -25.87 -13.15
N ASP A 385 -12.44 -24.78 -13.81
CA ASP A 385 -12.22 -23.51 -13.09
C ASP A 385 -13.52 -22.97 -12.50
N ILE A 386 -14.62 -23.03 -13.25
CA ILE A 386 -15.89 -22.49 -12.74
C ILE A 386 -16.37 -23.29 -11.54
N SER A 387 -16.13 -24.61 -11.54
CA SER A 387 -16.56 -25.47 -10.43
C SER A 387 -15.91 -25.09 -9.11
N ILE A 388 -14.66 -24.60 -9.14
CA ILE A 388 -13.98 -24.22 -7.91
C ILE A 388 -14.70 -23.08 -7.20
N VAL A 389 -15.04 -22.02 -7.94
CA VAL A 389 -15.67 -20.86 -7.32
C VAL A 389 -17.09 -21.17 -6.87
N SER A 390 -17.85 -21.92 -7.68
CA SER A 390 -19.23 -22.26 -7.32
C SER A 390 -19.32 -23.14 -6.07
N LEU A 391 -18.42 -24.12 -5.94
CA LEU A 391 -18.46 -25.02 -4.79
C LEU A 391 -18.23 -24.31 -3.45
N ILE A 392 -17.25 -23.42 -3.38
CA ILE A 392 -16.98 -22.70 -2.14
C ILE A 392 -18.11 -21.75 -1.78
N SER A 393 -18.66 -21.05 -2.78
CA SER A 393 -19.80 -20.17 -2.52
C SER A 393 -21.03 -20.92 -2.04
N LEU A 394 -21.29 -22.09 -2.61
CA LEU A 394 -22.46 -22.88 -2.18
C LEU A 394 -22.32 -23.34 -0.72
N ILE A 395 -21.11 -23.73 -0.32
CA ILE A 395 -20.88 -24.20 1.05
C ILE A 395 -21.21 -23.11 2.07
N TRP A 396 -20.78 -21.87 1.80
CA TRP A 396 -21.06 -20.75 2.69
C TRP A 396 -22.55 -20.49 2.82
N SER A 397 -23.24 -20.36 1.69
CA SER A 397 -24.67 -20.05 1.68
C SER A 397 -25.50 -21.13 2.36
N LEU A 398 -25.18 -22.40 2.09
CA LEU A 398 -25.90 -23.52 2.69
C LEU A 398 -25.67 -23.60 4.19
N ALA A 399 -24.44 -23.36 4.65
CA ALA A 399 -24.12 -23.45 6.07
C ALA A 399 -24.90 -22.44 6.90
N ILE A 400 -25.01 -21.19 6.43
CA ILE A 400 -25.75 -20.19 7.18
C ILE A 400 -27.23 -20.55 7.27
N LEU A 401 -27.78 -21.14 6.21
CA LEU A 401 -29.18 -21.55 6.22
C LEU A 401 -29.43 -22.63 7.26
N LEU A 402 -28.54 -23.61 7.36
CA LEU A 402 -28.70 -24.72 8.30
C LEU A 402 -28.57 -24.24 9.75
N LEU A 403 -27.54 -23.44 10.04
CA LEU A 403 -27.31 -22.95 11.40
C LEU A 403 -28.44 -22.05 11.90
N SER A 404 -29.00 -21.23 11.02
CA SER A 404 -30.09 -20.34 11.41
C SER A 404 -31.41 -21.05 11.73
N LYS A 405 -31.55 -22.34 11.41
CA LYS A 405 -32.75 -23.14 11.71
C LYS A 405 -33.96 -22.66 10.90
N LYS A 406 -33.74 -21.84 9.88
CA LYS A 406 -34.78 -21.34 9.01
C LYS A 406 -35.18 -22.37 7.94
N TYR A 407 -34.44 -23.48 7.86
CA TYR A 407 -34.64 -24.61 6.96
C TYR A 407 -35.97 -25.34 7.23
N LYS A 408 -36.49 -25.22 8.45
CA LYS A 408 -37.69 -25.82 9.04
C LYS A 408 -39.03 -25.26 8.57
N GLN A 409 -39.10 -24.21 7.76
CA GLN A 409 -40.46 -23.71 7.50
C GLN A 409 -40.95 -24.13 6.11
N LEU A 410 -42.09 -23.58 5.65
CA LEU A 410 -42.61 -23.95 4.34
C LEU A 410 -41.82 -23.56 3.09
N PRO A 411 -41.46 -22.29 2.83
CA PRO A 411 -40.83 -22.04 1.54
C PRO A 411 -39.32 -22.23 1.57
N HIS A 412 -38.70 -21.90 2.70
CA HIS A 412 -37.25 -21.97 2.82
C HIS A 412 -36.75 -23.41 2.72
N MET A 413 -37.58 -24.37 3.10
CA MET A 413 -37.17 -25.77 3.05
C MET A 413 -36.86 -26.23 1.62
N LEU A 414 -37.73 -25.89 0.66
CA LEU A 414 -37.50 -26.26 -0.74
C LEU A 414 -36.25 -25.62 -1.36
N THR A 415 -35.91 -24.38 -0.98
CA THR A 415 -34.67 -23.79 -1.52
C THR A 415 -33.45 -24.58 -1.08
N THR A 416 -33.42 -25.01 0.19
CA THR A 416 -32.31 -25.79 0.72
C THR A 416 -32.15 -27.10 -0.05
N ASN A 417 -33.27 -27.72 -0.42
CA ASN A 417 -33.24 -28.90 -1.28
C ASN A 417 -32.64 -28.57 -2.64
N LEU A 418 -32.99 -27.41 -3.19
CA LEU A 418 -32.45 -26.99 -4.49
C LEU A 418 -30.93 -26.83 -4.43
N LEU A 419 -30.42 -26.13 -3.39
CA LEU A 419 -28.98 -25.88 -3.28
C LEU A 419 -28.11 -27.13 -3.12
N ILE A 420 -28.58 -28.15 -2.39
CA ILE A 420 -27.80 -29.39 -2.29
C ILE A 420 -27.65 -30.04 -3.67
N ALA A 421 -28.72 -30.03 -4.47
CA ALA A 421 -28.64 -30.59 -5.82
C ALA A 421 -27.61 -29.87 -6.69
N GLN A 422 -27.56 -28.53 -6.62
CA GLN A 422 -26.54 -27.80 -7.36
C GLN A 422 -25.13 -28.15 -6.89
N SER A 423 -24.99 -28.40 -5.59
CA SER A 423 -23.69 -28.78 -5.02
C SER A 423 -23.17 -30.10 -5.58
N ILE A 424 -24.06 -31.07 -5.77
CA ILE A 424 -23.63 -32.37 -6.31
C ILE A 424 -23.13 -32.24 -7.74
N VAL A 425 -23.76 -31.37 -8.54
CA VAL A 425 -23.33 -31.17 -9.92
C VAL A 425 -21.90 -30.64 -9.97
N CYS A 426 -21.61 -29.62 -9.16
CA CYS A 426 -20.26 -29.07 -9.06
C CYS A 426 -19.26 -30.10 -8.53
N ALA A 427 -19.66 -30.86 -7.51
CA ALA A 427 -18.81 -31.90 -6.94
C ALA A 427 -18.48 -33.00 -7.95
N GLY A 428 -19.46 -33.38 -8.76
CA GLY A 428 -19.31 -34.40 -9.79
C GLY A 428 -18.28 -34.14 -10.87
N MET A 429 -18.18 -32.89 -11.30
CA MET A 429 -17.24 -32.46 -12.33
C MET A 429 -15.78 -32.61 -11.94
N MET A 430 -15.44 -32.30 -10.68
CA MET A 430 -14.05 -32.50 -10.24
C MET A 430 -13.62 -33.96 -10.28
N ILE A 431 -14.45 -34.89 -9.81
CA ILE A 431 -14.14 -36.31 -9.93
C ILE A 431 -14.08 -36.77 -11.40
N TRP A 432 -14.91 -36.16 -12.25
CA TRP A 432 -15.00 -36.58 -13.64
C TRP A 432 -13.72 -36.33 -14.43
N ASN A 433 -13.11 -35.16 -14.27
CA ASN A 433 -12.00 -34.73 -15.12
C ASN A 433 -10.78 -35.63 -14.94
N PHE A 434 -10.58 -36.13 -13.73
CA PHE A 434 -9.45 -36.95 -13.28
C PHE A 434 -9.61 -38.44 -13.59
N VAL A 435 -10.79 -38.88 -13.99
CA VAL A 435 -11.11 -40.31 -14.02
C VAL A 435 -11.04 -40.94 -15.42
N LYS A 436 -11.07 -40.12 -16.50
CA LYS A 436 -11.20 -40.67 -17.85
C LYS A 436 -10.06 -41.64 -18.16
N GLU A 437 -8.90 -41.45 -17.51
CA GLU A 437 -7.70 -42.23 -17.78
C GLU A 437 -7.57 -43.33 -16.74
N LYS A 438 -8.65 -43.56 -15.99
CA LYS A 438 -8.70 -44.46 -14.85
C LYS A 438 -9.83 -45.45 -15.11
N ASN A 439 -10.28 -46.11 -14.04
CA ASN A 439 -11.20 -47.25 -14.09
C ASN A 439 -12.47 -46.96 -14.87
N PHE A 440 -12.74 -47.79 -15.88
CA PHE A 440 -13.90 -47.64 -16.75
C PHE A 440 -15.21 -47.77 -15.98
N VAL A 441 -15.23 -48.61 -14.94
CA VAL A 441 -16.42 -48.78 -14.11
C VAL A 441 -16.79 -47.48 -13.40
N GLY A 442 -15.79 -46.74 -12.93
CA GLY A 442 -16.04 -45.44 -12.33
C GLY A 442 -16.69 -44.42 -13.26
N GLN A 443 -16.46 -44.54 -14.57
CA GLN A 443 -17.15 -43.71 -15.54
C GLN A 443 -18.69 -43.74 -15.39
N ILE A 444 -19.27 -44.95 -15.29
CA ILE A 444 -20.74 -45.07 -15.30
C ILE A 444 -21.39 -44.51 -14.03
N LEU A 445 -20.86 -44.80 -12.83
CA LEU A 445 -21.52 -44.34 -11.61
C LEU A 445 -21.57 -42.81 -11.56
N VAL A 446 -20.46 -42.16 -11.95
CA VAL A 446 -20.42 -40.70 -11.97
C VAL A 446 -21.37 -40.16 -13.04
N PHE A 447 -21.49 -40.85 -14.18
CA PHE A 447 -22.40 -40.41 -15.24
C PHE A 447 -23.83 -40.39 -14.73
N VAL A 448 -24.25 -41.45 -14.03
CA VAL A 448 -25.60 -41.55 -13.51
C VAL A 448 -25.84 -40.46 -12.47
N LEU A 449 -24.86 -40.23 -11.61
CA LEU A 449 -24.96 -39.24 -10.55
C LEU A 449 -25.13 -37.84 -11.11
N LEU A 450 -24.39 -37.49 -12.15
CA LEU A 450 -24.39 -36.13 -12.68
C LEU A 450 -25.75 -35.76 -13.28
N TYR A 451 -26.31 -36.61 -14.12
CA TYR A 451 -27.53 -36.21 -14.81
C TYR A 451 -28.78 -36.40 -13.95
N SER A 452 -28.71 -37.29 -12.96
CA SER A 452 -29.81 -37.40 -12.00
C SER A 452 -29.97 -36.13 -11.19
N SER A 453 -28.86 -35.55 -10.72
CA SER A 453 -28.91 -34.28 -10.01
C SER A 453 -29.18 -33.10 -10.93
N LEU A 454 -28.60 -33.12 -12.13
CA LEU A 454 -28.83 -32.04 -13.08
C LEU A 454 -30.30 -31.96 -13.47
N TYR A 455 -30.93 -33.11 -13.72
CA TYR A 455 -32.37 -33.13 -14.02
C TYR A 455 -33.18 -32.67 -12.83
N SER A 456 -32.77 -33.05 -11.60
CA SER A 456 -33.47 -32.63 -10.40
C SER A 456 -33.42 -31.12 -10.24
N THR A 457 -32.28 -30.49 -10.57
CA THR A 457 -32.14 -29.04 -10.47
C THR A 457 -33.15 -28.33 -11.37
N TYR A 458 -33.36 -28.86 -12.58
CA TYR A 458 -34.38 -28.33 -13.47
C TYR A 458 -35.77 -28.45 -12.86
N LEU A 459 -36.11 -29.61 -12.31
CA LEU A 459 -37.45 -29.81 -11.75
C LEU A 459 -37.64 -29.04 -10.45
N TRP A 460 -36.59 -28.93 -9.63
CA TRP A 460 -36.71 -28.20 -8.37
C TRP A 460 -37.04 -26.72 -8.60
N THR A 461 -36.57 -26.15 -9.71
CA THR A 461 -36.93 -24.78 -10.06
C THR A 461 -38.42 -24.63 -10.30
N GLY A 462 -39.02 -25.59 -11.01
CA GLY A 462 -40.46 -25.54 -11.21
C GLY A 462 -41.25 -25.73 -9.93
N LEU A 463 -40.79 -26.66 -9.08
CA LEU A 463 -41.49 -26.90 -7.82
C LEU A 463 -41.46 -25.68 -6.93
N LEU A 464 -40.36 -24.93 -6.94
CA LEU A 464 -40.26 -23.69 -6.17
C LEU A 464 -41.31 -22.66 -6.63
N ALA A 465 -41.47 -22.52 -7.94
CA ALA A 465 -42.43 -21.56 -8.48
C ALA A 465 -43.86 -21.93 -8.11
N ILE A 466 -44.21 -23.21 -8.22
CA ILE A 466 -45.56 -23.67 -7.90
C ILE A 466 -45.88 -23.44 -6.43
N SER A 467 -44.90 -23.74 -5.56
CA SER A 467 -45.07 -23.49 -4.13
C SER A 467 -45.24 -21.99 -3.84
N LEU A 468 -44.51 -21.13 -4.55
CA LEU A 468 -44.76 -19.70 -4.41
C LEU A 468 -46.16 -19.31 -4.89
N PHE A 469 -46.67 -20.00 -5.91
CA PHE A 469 -48.04 -19.75 -6.37
C PHE A 469 -49.04 -20.07 -5.29
N LEU A 470 -48.82 -21.19 -4.60
CA LEU A 470 -49.74 -21.67 -3.58
C LEU A 470 -49.63 -20.87 -2.29
N LEU A 471 -48.43 -20.40 -1.93
CA LEU A 471 -48.21 -19.80 -0.62
C LEU A 471 -49.00 -18.49 -0.43
N LYS A 472 -48.90 -17.56 -1.39
CA LYS A 472 -49.58 -16.27 -1.27
C LYS A 472 -51.09 -16.34 -1.30
N LYS A 473 -51.67 -17.40 -1.86
CA LYS A 473 -53.12 -17.58 -1.91
C LYS A 473 -53.36 -18.96 -1.30
N ARG A 474 -54.56 -19.52 -1.52
CA ARG A 474 -54.83 -20.89 -1.10
C ARG A 474 -54.79 -21.10 0.41
N GLU A 475 -55.83 -20.70 1.13
CA GLU A 475 -55.85 -21.05 2.54
C GLU A 475 -56.33 -22.48 2.70
N ARG A 476 -55.88 -23.11 3.80
CA ARG A 476 -56.13 -24.51 4.16
C ARG A 476 -55.36 -25.40 3.18
N VAL A 477 -55.47 -26.72 3.34
CA VAL A 477 -54.86 -27.70 2.43
C VAL A 477 -53.37 -27.43 2.30
N GLN A 478 -52.61 -27.69 3.36
CA GLN A 478 -51.18 -27.43 3.34
C GLN A 478 -50.44 -28.42 2.45
N ILE A 479 -49.27 -27.99 1.97
CA ILE A 479 -48.44 -28.70 1.00
C ILE A 479 -47.92 -30.02 1.57
N PRO A 480 -48.18 -31.14 0.91
CA PRO A 480 -47.62 -32.44 1.33
C PRO A 480 -46.15 -32.49 0.93
N VAL A 481 -45.29 -31.93 1.80
CA VAL A 481 -43.85 -31.81 1.54
C VAL A 481 -43.20 -33.17 1.30
N GLY A 482 -43.69 -34.22 1.93
CA GLY A 482 -43.17 -35.55 1.66
C GLY A 482 -43.32 -35.96 0.20
N ILE A 483 -44.47 -35.62 -0.40
CA ILE A 483 -44.70 -35.90 -1.82
C ILE A 483 -43.71 -35.14 -2.70
N ILE A 484 -43.49 -33.85 -2.41
CA ILE A 484 -42.54 -33.05 -3.20
C ILE A 484 -41.12 -33.61 -3.09
N ILE A 485 -40.70 -33.99 -1.88
CA ILE A 485 -39.38 -34.59 -1.70
C ILE A 485 -39.27 -35.90 -2.48
N ILE A 486 -40.30 -36.74 -2.43
CA ILE A 486 -40.32 -37.95 -3.24
C ILE A 486 -40.32 -37.62 -4.73
N SER A 487 -41.14 -36.65 -5.14
CA SER A 487 -41.21 -36.25 -6.54
C SER A 487 -39.90 -35.64 -7.04
N GLY A 488 -39.27 -34.79 -6.22
CA GLY A 488 -38.04 -34.13 -6.64
C GLY A 488 -36.87 -35.06 -6.89
N TRP A 489 -36.82 -36.19 -6.20
CA TRP A 489 -35.71 -37.14 -6.34
C TRP A 489 -36.06 -38.40 -7.11
N GLY A 490 -37.26 -38.97 -6.91
CA GLY A 490 -37.62 -40.20 -7.60
C GLY A 490 -37.74 -40.03 -9.11
N ILE A 491 -38.34 -38.94 -9.56
CA ILE A 491 -38.54 -38.71 -10.99
C ILE A 491 -37.24 -38.64 -11.78
N PRO A 492 -36.23 -37.83 -11.38
CA PRO A 492 -34.96 -37.85 -12.14
C PRO A 492 -34.27 -39.20 -12.19
N ALA A 493 -34.34 -39.98 -11.11
CA ALA A 493 -33.71 -41.30 -11.09
C ALA A 493 -34.32 -42.23 -12.13
N LEU A 494 -35.66 -42.23 -12.25
CA LEU A 494 -36.31 -43.07 -13.26
C LEU A 494 -35.90 -42.67 -14.67
N LEU A 495 -35.83 -41.37 -14.94
CA LEU A 495 -35.40 -40.88 -16.25
C LEU A 495 -33.96 -41.28 -16.54
N VAL A 496 -33.09 -41.20 -15.52
CA VAL A 496 -31.69 -41.59 -15.65
C VAL A 496 -31.54 -43.07 -15.99
N GLY A 497 -32.33 -43.92 -15.34
CA GLY A 497 -32.25 -45.35 -15.60
C GLY A 497 -32.61 -45.73 -17.02
N VAL A 498 -33.60 -45.05 -17.61
CA VAL A 498 -33.97 -45.32 -18.99
C VAL A 498 -32.80 -45.01 -19.93
N LEU A 499 -32.13 -43.88 -19.69
CA LEU A 499 -30.98 -43.49 -20.49
C LEU A 499 -29.82 -44.46 -20.33
N LEU A 500 -29.66 -45.02 -19.13
CA LEU A 500 -28.58 -45.97 -18.84
C LEU A 500 -28.69 -47.23 -19.70
N ILE A 501 -29.89 -47.76 -19.88
CA ILE A 501 -30.05 -49.01 -20.61
C ILE A 501 -29.92 -48.80 -22.11
N THR A 502 -30.48 -47.71 -22.64
CA THR A 502 -30.51 -47.49 -24.08
C THR A 502 -29.36 -46.58 -24.50
N GLY A 503 -28.52 -47.09 -25.40
CA GLY A 503 -27.34 -46.39 -25.85
C GLY A 503 -26.06 -47.20 -25.72
N LYS A 504 -25.18 -47.09 -26.70
CA LYS A 504 -23.87 -47.73 -26.68
C LYS A 504 -22.80 -46.74 -26.22
N HIS A 505 -22.06 -47.12 -25.18
CA HIS A 505 -21.05 -46.24 -24.60
C HIS A 505 -19.95 -45.96 -25.62
N ASN A 506 -19.53 -44.70 -25.71
CA ASN A 506 -18.40 -44.29 -26.54
C ASN A 506 -17.21 -44.03 -25.62
N GLY A 507 -16.26 -44.97 -25.61
CA GLY A 507 -15.11 -44.87 -24.72
C GLY A 507 -14.13 -43.78 -25.09
N ASP A 508 -14.08 -43.38 -26.35
CA ASP A 508 -13.13 -42.36 -26.81
C ASP A 508 -13.70 -40.94 -26.80
N SER A 509 -14.93 -40.75 -26.35
CA SER A 509 -15.54 -39.42 -26.31
C SER A 509 -15.20 -38.81 -24.95
N ILE A 510 -14.30 -37.82 -24.96
CA ILE A 510 -13.91 -37.15 -23.70
C ILE A 510 -14.88 -35.99 -23.50
N ASP A 511 -16.09 -36.32 -23.05
CA ASP A 511 -17.15 -35.35 -22.74
C ASP A 511 -18.34 -36.07 -22.13
N SER A 512 -18.99 -35.44 -21.15
CA SER A 512 -20.17 -36.06 -20.54
C SER A 512 -21.36 -36.10 -21.48
N ALA A 513 -21.43 -35.16 -22.45
CA ALA A 513 -22.58 -35.05 -23.33
C ALA A 513 -22.73 -36.17 -24.36
N PHE A 514 -21.70 -36.99 -24.60
CA PHE A 514 -21.88 -37.97 -25.66
C PHE A 514 -21.54 -39.40 -25.22
N PHE A 515 -21.80 -39.77 -23.96
CA PHE A 515 -21.54 -41.14 -23.55
C PHE A 515 -22.45 -42.11 -24.30
N TYR A 516 -23.74 -41.76 -24.38
CA TYR A 516 -24.75 -42.52 -25.10
C TYR A 516 -25.26 -41.79 -26.34
N GLY A 517 -24.58 -40.73 -26.77
CA GLY A 517 -24.98 -40.06 -28.01
C GLY A 517 -26.32 -39.34 -27.94
N LYS A 518 -27.15 -39.60 -28.94
CA LYS A 518 -28.39 -38.84 -29.17
C LYS A 518 -29.43 -38.97 -28.06
N GLU A 519 -29.61 -40.17 -27.49
CA GLU A 519 -30.67 -40.39 -26.51
C GLU A 519 -30.59 -39.52 -25.24
N GLN A 520 -29.40 -39.36 -24.63
CA GLN A 520 -29.33 -38.47 -23.47
C GLN A 520 -29.65 -37.03 -23.86
N MET A 521 -29.12 -36.58 -24.99
CA MET A 521 -29.28 -35.20 -25.42
C MET A 521 -30.75 -34.85 -25.70
N ILE A 522 -31.49 -35.76 -26.30
CA ILE A 522 -32.91 -35.52 -26.60
C ILE A 522 -33.71 -35.36 -25.29
N THR A 523 -33.39 -36.18 -24.28
CA THR A 523 -34.07 -36.14 -22.98
C THR A 523 -33.91 -34.80 -22.27
N THR A 524 -32.73 -34.19 -22.34
CA THR A 524 -32.52 -32.90 -21.68
C THR A 524 -33.45 -31.82 -22.22
N ALA A 525 -33.66 -31.77 -23.54
CA ALA A 525 -34.53 -30.76 -24.11
C ALA A 525 -35.97 -30.91 -23.60
N VAL A 526 -36.45 -32.16 -23.54
CA VAL A 526 -37.79 -32.44 -23.04
C VAL A 526 -37.94 -32.05 -21.57
N THR A 527 -36.92 -32.36 -20.77
CA THR A 527 -36.93 -32.04 -19.34
C THR A 527 -37.00 -30.53 -19.10
N LEU A 528 -36.22 -29.76 -19.87
CA LEU A 528 -36.24 -28.29 -19.73
C LEU A 528 -37.60 -27.72 -20.09
N PHE A 529 -38.22 -28.23 -21.16
CA PHE A 529 -39.52 -27.70 -21.60
C PHE A 529 -40.60 -27.90 -20.53
N CYS A 530 -40.64 -29.08 -19.90
CA CYS A 530 -41.63 -29.33 -18.86
C CYS A 530 -41.43 -28.40 -17.66
N SER A 531 -40.18 -28.21 -17.23
CA SER A 531 -39.91 -27.35 -16.08
C SER A 531 -40.27 -25.90 -16.36
N ILE A 532 -39.94 -25.40 -17.56
CA ILE A 532 -40.22 -24.00 -17.90
C ILE A 532 -41.72 -23.73 -17.92
N LEU A 533 -42.50 -24.63 -18.52
CA LEU A 533 -43.95 -24.46 -18.55
C LEU A 533 -44.55 -24.49 -17.15
N ILE A 534 -44.12 -25.44 -16.30
CA ILE A 534 -44.66 -25.53 -14.95
C ILE A 534 -44.29 -24.28 -14.14
N ALA A 535 -43.02 -23.88 -14.19
CA ALA A 535 -42.57 -22.68 -13.48
C ALA A 535 -43.19 -21.42 -14.06
N GLY A 536 -43.27 -21.33 -15.38
CA GLY A 536 -43.81 -20.13 -16.03
C GLY A 536 -45.28 -19.89 -15.74
N ILE A 537 -46.10 -20.94 -15.81
CA ILE A 537 -47.54 -20.79 -15.64
C ILE A 537 -47.87 -20.28 -14.25
N SER A 538 -47.20 -20.81 -13.22
CA SER A 538 -47.47 -20.38 -11.85
C SER A 538 -47.08 -18.92 -11.63
N LEU A 539 -45.97 -18.48 -12.21
CA LEU A 539 -45.47 -17.13 -11.96
C LEU A 539 -46.41 -16.07 -12.51
N MET A 540 -46.90 -16.26 -13.74
CA MET A 540 -47.85 -15.32 -14.32
C MET A 540 -49.17 -15.31 -13.56
N CYS A 541 -49.54 -16.42 -12.93
CA CYS A 541 -50.74 -16.45 -12.10
C CYS A 541 -50.59 -15.61 -10.85
N MET A 542 -49.39 -15.56 -10.28
CA MET A 542 -49.14 -14.74 -9.09
C MET A 542 -49.35 -13.26 -9.37
N ASN A 543 -48.84 -12.77 -10.50
CA ASN A 543 -49.00 -11.37 -10.86
C ASN A 543 -50.47 -11.00 -11.07
N GLN A 544 -51.22 -11.85 -11.76
CA GLN A 544 -52.65 -11.58 -11.97
C GLN A 544 -53.43 -11.67 -10.66
N THR A 545 -53.17 -12.70 -9.85
CA THR A 545 -53.90 -12.90 -8.61
C THR A 545 -53.66 -11.77 -7.62
N GLN A 654 -38.81 -15.22 2.24
CA GLN A 654 -39.39 -13.90 1.98
C GLN A 654 -39.70 -13.71 0.49
N LEU A 655 -40.96 -13.31 0.22
CA LEU A 655 -41.43 -13.16 -1.15
C LEU A 655 -40.56 -12.20 -1.94
N THR A 656 -40.42 -10.96 -1.42
CA THR A 656 -39.68 -9.84 -2.01
C THR A 656 -38.40 -10.26 -2.73
N ARG A 657 -37.71 -11.29 -2.23
CA ARG A 657 -36.49 -11.76 -2.87
C ARG A 657 -36.72 -13.04 -3.67
N HIS A 658 -37.16 -14.13 -2.99
CA HIS A 658 -37.49 -15.44 -3.58
C HIS A 658 -37.88 -15.39 -5.05
N VAL A 659 -38.93 -14.61 -5.35
CA VAL A 659 -39.47 -14.48 -6.71
C VAL A 659 -38.37 -14.24 -7.73
N LEU A 660 -37.42 -13.36 -7.39
CA LEU A 660 -36.35 -12.99 -8.30
C LEU A 660 -35.45 -14.16 -8.67
N LEU A 661 -35.12 -15.01 -7.68
CA LEU A 661 -34.33 -16.20 -7.97
C LEU A 661 -35.03 -17.11 -8.98
N CYS A 662 -36.35 -17.22 -8.90
CA CYS A 662 -37.11 -17.93 -9.93
C CYS A 662 -37.01 -17.22 -11.27
N LEU A 663 -37.15 -15.89 -11.27
CA LEU A 663 -37.13 -15.12 -12.52
C LEU A 663 -35.80 -15.23 -13.25
N LEU A 664 -34.69 -15.10 -12.52
CA LEU A 664 -33.37 -15.21 -13.15
C LEU A 664 -33.11 -16.61 -13.67
N LEU A 665 -33.55 -17.64 -12.93
CA LEU A 665 -33.36 -19.02 -13.37
C LEU A 665 -34.12 -19.32 -14.66
N ILE A 666 -35.38 -18.86 -14.74
CA ILE A 666 -36.21 -19.10 -15.93
C ILE A 666 -35.57 -18.49 -17.16
N ILE A 667 -34.96 -17.30 -17.02
CA ILE A 667 -34.20 -16.70 -18.12
C ILE A 667 -33.05 -17.60 -18.53
N GLY A 668 -32.39 -18.24 -17.56
CA GLY A 668 -31.30 -19.14 -17.88
C GLY A 668 -31.74 -20.39 -18.63
N LEU A 669 -32.85 -21.01 -18.21
CA LEU A 669 -33.29 -22.24 -18.85
C LEU A 669 -33.68 -22.01 -20.32
N PHE A 670 -34.25 -20.84 -20.63
CA PHE A 670 -34.60 -20.55 -22.01
C PHE A 670 -33.35 -20.47 -22.90
N ALA A 671 -32.29 -19.84 -22.41
CA ALA A 671 -31.05 -19.75 -23.17
C ALA A 671 -30.44 -21.12 -23.42
N ASN A 672 -30.43 -21.98 -22.38
CA ASN A 672 -29.92 -23.34 -22.53
C ASN A 672 -30.75 -24.13 -23.54
N LEU A 673 -32.07 -24.01 -23.47
CA LEU A 673 -32.95 -24.78 -24.34
C LEU A 673 -32.73 -24.47 -25.82
N SER A 674 -32.56 -23.18 -26.16
CA SER A 674 -32.27 -22.83 -27.55
C SER A 674 -30.96 -23.44 -28.04
N SER A 675 -29.97 -23.55 -27.15
CA SER A 675 -28.72 -24.21 -27.51
C SER A 675 -28.95 -25.68 -27.83
N CYS A 676 -29.80 -26.35 -27.03
CA CYS A 676 -30.16 -27.73 -27.29
C CYS A 676 -30.91 -27.89 -28.61
N LEU A 677 -31.86 -26.99 -28.88
CA LEU A 677 -32.66 -27.08 -30.10
C LEU A 677 -31.84 -26.93 -31.37
N TRP A 678 -30.86 -26.02 -31.37
CA TRP A 678 -30.07 -25.79 -32.59
C TRP A 678 -29.30 -27.03 -33.05
N TRP A 679 -28.66 -27.74 -32.11
CA TRP A 679 -27.85 -28.91 -32.46
C TRP A 679 -28.67 -30.06 -33.03
N LEU A 680 -29.82 -30.36 -32.43
CA LEU A 680 -30.60 -31.54 -32.83
C LEU A 680 -31.22 -31.41 -34.22
N PHE A 681 -31.60 -30.21 -34.65
CA PHE A 681 -32.32 -30.02 -35.90
C PHE A 681 -31.44 -29.76 -37.11
N ASN A 682 -30.20 -29.27 -36.93
CA ASN A 682 -29.35 -28.99 -38.09
C ASN A 682 -28.19 -29.97 -38.10
N GLN A 683 -28.47 -31.16 -38.65
CA GLN A 683 -27.57 -32.30 -38.82
C GLN A 683 -26.64 -32.57 -37.63
N GLU A 684 -25.40 -32.92 -37.96
CA GLU A 684 -24.29 -33.24 -37.10
C GLU A 684 -23.35 -32.05 -36.99
N PRO A 685 -23.15 -31.53 -35.74
CA PRO A 685 -22.20 -30.43 -35.47
C PRO A 685 -22.54 -29.12 -36.17
N GLY A 686 -22.99 -28.15 -35.38
CA GLY A 686 -23.39 -26.86 -35.88
C GLY A 686 -22.21 -26.02 -36.27
N ARG A 687 -22.50 -24.80 -36.75
CA ARG A 687 -21.44 -23.89 -37.18
C ARG A 687 -20.53 -23.52 -36.01
N LEU A 688 -21.03 -23.56 -34.77
CA LEU A 688 -20.20 -23.31 -33.60
C LEU A 688 -20.59 -24.36 -32.56
N TYR A 689 -20.07 -25.58 -32.71
CA TYR A 689 -20.28 -26.61 -31.70
C TYR A 689 -19.58 -26.26 -30.39
N VAL A 690 -18.37 -25.73 -30.49
CA VAL A 690 -17.61 -25.36 -29.30
C VAL A 690 -18.31 -24.25 -28.51
N GLU A 691 -18.83 -23.24 -29.22
CA GLU A 691 -19.59 -22.18 -28.57
C GLU A 691 -20.86 -22.71 -27.89
N LEU A 692 -21.59 -23.60 -28.55
CA LEU A 692 -22.80 -24.14 -27.93
C LEU A 692 -22.47 -24.92 -26.67
N GLN A 693 -21.49 -25.83 -26.75
CA GLN A 693 -21.12 -26.63 -25.59
C GLN A 693 -20.62 -25.76 -24.44
N PHE A 694 -19.84 -24.73 -24.76
CA PHE A 694 -19.37 -23.76 -23.77
C PHE A 694 -20.52 -23.06 -23.05
N PHE A 695 -21.62 -22.78 -23.75
CA PHE A 695 -22.76 -22.17 -23.08
C PHE A 695 -23.38 -23.09 -22.03
N CYS A 696 -23.52 -24.38 -22.34
CA CYS A 696 -24.08 -25.32 -21.38
C CYS A 696 -23.22 -25.44 -20.14
N ALA A 697 -21.89 -25.49 -20.33
CA ALA A 697 -20.96 -25.60 -19.22
C ALA A 697 -21.04 -24.41 -18.27
N VAL A 698 -21.14 -23.19 -18.79
CA VAL A 698 -21.28 -22.02 -17.92
C VAL A 698 -22.60 -22.03 -17.16
N PHE A 699 -23.71 -22.35 -17.84
CA PHE A 699 -25.00 -22.29 -17.16
C PHE A 699 -25.26 -23.52 -16.29
N ASN A 700 -24.51 -24.59 -16.48
CA ASN A 700 -24.69 -25.76 -15.62
C ASN A 700 -23.87 -25.67 -14.34
N PHE A 701 -22.60 -25.28 -14.43
CA PHE A 701 -21.77 -25.28 -13.24
C PHE A 701 -21.71 -23.91 -12.56
N GLY A 702 -22.25 -22.86 -13.17
CA GLY A 702 -22.22 -21.55 -12.56
C GLY A 702 -23.50 -21.15 -11.87
N GLN A 703 -24.51 -22.03 -11.86
CA GLN A 703 -25.80 -21.73 -11.24
C GLN A 703 -25.69 -21.47 -9.75
N GLY A 704 -24.76 -22.15 -9.08
CA GLY A 704 -24.53 -21.93 -7.66
C GLY A 704 -24.11 -20.51 -7.33
N PHE A 705 -23.31 -19.89 -8.19
CA PHE A 705 -22.87 -18.51 -7.99
C PHE A 705 -24.07 -17.55 -7.95
N ILE A 706 -25.03 -17.73 -8.85
CA ILE A 706 -26.21 -16.86 -8.90
C ILE A 706 -27.03 -17.00 -7.61
N SER A 707 -27.22 -18.24 -7.15
CA SER A 707 -27.99 -18.50 -5.93
C SER A 707 -27.32 -17.89 -4.70
N PHE A 708 -26.00 -18.00 -4.60
CA PHE A 708 -25.25 -17.51 -3.44
C PHE A 708 -25.44 -16.00 -3.26
N GLY A 709 -25.40 -15.24 -4.36
CA GLY A 709 -25.50 -13.79 -4.27
C GLY A 709 -26.78 -13.30 -3.60
N ILE A 710 -27.91 -13.94 -3.90
CA ILE A 710 -29.17 -13.51 -3.31
C ILE A 710 -29.31 -14.02 -1.88
N PHE A 711 -29.19 -15.33 -1.67
CA PHE A 711 -29.47 -15.94 -0.39
C PHE A 711 -28.30 -15.89 0.60
N GLY A 712 -27.09 -16.22 0.14
CA GLY A 712 -25.97 -16.36 1.07
C GLY A 712 -25.55 -15.04 1.68
N LEU A 713 -25.46 -13.99 0.88
CA LEU A 713 -24.99 -12.69 1.38
C LEU A 713 -26.19 -11.92 1.96
N ASP A 714 -26.76 -12.50 3.01
CA ASP A 714 -27.89 -11.93 3.73
C ASP A 714 -27.63 -11.97 5.23
N LYS A 715 -28.19 -11.00 5.95
CA LYS A 715 -28.01 -10.93 7.38
C LYS A 715 -29.03 -11.82 8.07
N HIS A 716 -28.54 -12.77 8.86
CA HIS A 716 -29.41 -13.68 9.60
C HIS A 716 -28.77 -13.96 10.95
N LEU A 717 -29.42 -13.53 12.03
CA LEU A 717 -28.92 -13.73 13.38
C LEU A 717 -28.71 -15.21 13.67
N ILE A 718 -27.53 -15.54 14.19
CA ILE A 718 -27.20 -16.92 14.52
C ILE A 718 -27.84 -17.31 15.85
N SER B 36 31.99 -5.27 -1.85
CA SER B 36 31.48 -5.11 -0.50
C SER B 36 30.24 -4.21 -0.48
N MET B 37 30.18 -3.34 0.52
CA MET B 37 29.10 -2.37 0.67
C MET B 37 29.05 -1.46 -0.55
N SER B 38 27.91 -1.47 -1.24
CA SER B 38 27.60 -0.56 -2.36
C SER B 38 27.03 0.77 -1.85
N ILE B 39 27.84 1.44 -1.01
CA ILE B 39 27.40 2.66 -0.31
C ILE B 39 27.11 3.80 -1.27
N THR B 40 27.57 3.72 -2.53
CA THR B 40 27.20 4.72 -3.51
C THR B 40 25.69 4.81 -3.67
N ARG B 41 24.96 3.72 -3.44
CA ARG B 41 23.51 3.71 -3.61
C ARG B 41 22.81 3.53 -2.26
N LEU B 42 23.32 4.18 -1.22
CA LEU B 42 22.70 4.18 0.11
C LEU B 42 21.90 5.43 0.39
N PHE B 43 22.35 6.57 -0.14
CA PHE B 43 21.64 7.84 0.05
C PHE B 43 20.23 7.85 -0.54
N PRO B 44 19.98 7.42 -1.80
CA PRO B 44 18.58 7.37 -2.27
C PRO B 44 17.66 6.52 -1.41
N ALA B 45 18.19 5.42 -0.85
CA ALA B 45 17.41 4.61 0.07
C ALA B 45 17.13 5.32 1.39
N LEU B 46 17.94 6.31 1.76
CA LEU B 46 17.62 7.09 2.95
C LEU B 46 16.79 8.32 2.62
N LEU B 47 16.75 8.72 1.35
CA LEU B 47 15.86 9.78 0.90
C LEU B 47 14.44 9.31 0.66
N GLU B 48 14.24 8.00 0.46
CA GLU B 48 12.89 7.48 0.26
C GLU B 48 12.20 7.19 1.58
N CYS B 49 12.89 6.47 2.46
CA CYS B 49 12.34 6.06 3.74
C CYS B 49 11.89 7.26 4.56
N PHE B 50 12.68 8.33 4.58
CA PHE B 50 12.29 9.52 5.32
C PHE B 50 11.58 10.56 4.46
N GLY B 51 11.61 10.46 3.12
CA GLY B 51 10.75 11.31 2.32
C GLY B 51 9.28 10.96 2.49
N ILE B 52 8.97 9.66 2.56
CA ILE B 52 7.58 9.28 2.78
C ILE B 52 7.16 9.60 4.21
N VAL B 53 8.06 9.44 5.19
CA VAL B 53 7.73 9.81 6.56
C VAL B 53 7.46 11.33 6.65
N LEU B 54 8.22 12.13 5.91
CA LEU B 54 7.95 13.56 5.84
C LEU B 54 6.58 13.85 5.23
N CYS B 55 6.23 13.12 4.16
CA CYS B 55 4.91 13.31 3.55
C CYS B 55 3.80 12.97 4.52
N GLY B 56 3.98 11.89 5.29
CA GLY B 56 3.03 11.51 6.31
C GLY B 56 2.88 12.55 7.40
N TYR B 57 3.99 13.19 7.77
CA TYR B 57 3.95 14.23 8.79
C TYR B 57 3.22 15.46 8.27
N ILE B 58 3.56 15.89 7.04
CA ILE B 58 2.98 17.09 6.46
C ILE B 58 1.47 16.89 6.32
N ALA B 59 1.06 15.73 5.80
CA ALA B 59 -0.35 15.42 5.62
C ALA B 59 -1.08 15.39 6.96
N GLY B 60 -0.46 14.78 7.97
CA GLY B 60 -1.09 14.68 9.28
C GLY B 60 -1.31 16.03 9.93
N ARG B 61 -0.30 16.89 9.91
CA ARG B 61 -0.45 18.18 10.58
C ARG B 61 -1.32 19.14 9.77
N ALA B 62 -1.28 19.03 8.44
CA ALA B 62 -2.17 19.83 7.57
C ALA B 62 -3.65 19.55 7.84
N ASN B 63 -3.95 18.53 8.66
CA ASN B 63 -5.24 18.21 9.27
C ASN B 63 -6.12 17.46 8.26
N VAL B 64 -5.51 17.07 7.14
CA VAL B 64 -6.21 16.38 6.06
C VAL B 64 -6.77 15.04 6.53
N ILE B 65 -5.96 14.25 7.25
CA ILE B 65 -6.35 12.95 7.76
C ILE B 65 -6.12 12.93 9.28
N THR B 66 -7.17 13.20 10.03
CA THR B 66 -7.09 13.34 11.48
C THR B 66 -6.74 12.00 12.15
N SER B 67 -6.62 12.04 13.48
CA SER B 67 -6.22 10.87 14.26
C SER B 67 -7.21 9.72 14.16
N THR B 68 -8.51 10.01 14.21
CA THR B 68 -9.52 8.96 14.11
C THR B 68 -9.48 8.28 12.76
N GLN B 69 -9.38 9.05 11.68
CA GLN B 69 -9.28 8.44 10.37
C GLN B 69 -7.99 7.63 10.24
N ALA B 70 -6.91 8.13 10.86
CA ALA B 70 -5.62 7.45 10.86
C ALA B 70 -5.68 6.08 11.52
N LYS B 71 -6.57 5.90 12.51
CA LYS B 71 -6.67 4.58 13.14
C LYS B 71 -7.07 3.48 12.16
N GLY B 72 -7.88 3.81 11.14
CA GLY B 72 -8.23 2.80 10.17
C GLY B 72 -7.06 2.35 9.31
N LEU B 73 -6.22 3.30 8.89
CA LEU B 73 -5.02 2.93 8.15
C LEU B 73 -4.04 2.15 9.02
N GLY B 74 -4.03 2.41 10.33
CA GLY B 74 -3.19 1.60 11.20
C GLY B 74 -3.71 0.18 11.33
N ASN B 75 -5.03 0.04 11.45
CA ASN B 75 -5.62 -1.29 11.59
C ASN B 75 -5.41 -2.11 10.33
N PHE B 76 -5.52 -1.45 9.17
CA PHE B 76 -5.29 -2.13 7.90
C PHE B 76 -3.84 -2.59 7.76
N VAL B 77 -2.88 -1.71 8.06
CA VAL B 77 -1.49 -2.10 7.82
C VAL B 77 -1.06 -3.18 8.79
N SER B 78 -1.40 -2.99 10.08
CA SER B 78 -0.94 -3.80 11.20
C SER B 78 -1.63 -5.16 11.25
N ARG B 79 -2.80 -5.29 10.61
CA ARG B 79 -3.52 -6.55 10.73
C ARG B 79 -3.61 -7.28 9.40
N PHE B 80 -3.38 -6.59 8.28
CA PHE B 80 -3.50 -7.17 6.95
C PHE B 80 -2.19 -7.24 6.18
N ALA B 81 -1.45 -6.13 6.02
CA ALA B 81 -0.28 -6.18 5.16
C ALA B 81 0.90 -6.97 5.74
N LEU B 82 1.22 -6.77 7.01
CA LEU B 82 2.37 -7.45 7.61
C LEU B 82 2.24 -8.98 7.66
N PRO B 83 1.12 -9.57 8.12
CA PRO B 83 1.04 -11.05 8.14
C PRO B 83 1.22 -11.74 6.79
N ALA B 84 0.82 -11.12 5.67
CA ALA B 84 1.01 -11.79 4.40
C ALA B 84 2.46 -11.73 3.96
N LEU B 85 3.17 -10.67 4.34
CA LEU B 85 4.57 -10.53 3.99
C LEU B 85 5.38 -11.56 4.75
N LEU B 86 5.13 -11.66 6.07
CA LEU B 86 5.86 -12.65 6.86
C LEU B 86 5.52 -14.06 6.41
N PHE B 87 4.24 -14.33 6.11
CA PHE B 87 3.85 -15.69 5.76
C PHE B 87 4.51 -16.12 4.47
N LYS B 88 4.55 -15.22 3.47
CA LYS B 88 5.19 -15.55 2.20
C LYS B 88 6.67 -15.80 2.38
N ASN B 89 7.37 -14.88 3.06
CA ASN B 89 8.82 -15.02 3.19
C ASN B 89 9.17 -16.26 3.98
N MET B 90 8.42 -16.56 5.05
CA MET B 90 8.69 -17.77 5.82
C MET B 90 8.44 -19.02 4.99
N VAL B 91 7.48 -18.97 4.06
CA VAL B 91 7.26 -20.10 3.16
C VAL B 91 8.45 -20.33 2.24
N VAL B 92 9.09 -19.25 1.75
CA VAL B 92 10.13 -19.47 0.74
C VAL B 92 11.55 -19.68 1.30
N LEU B 93 11.77 -19.54 2.61
CA LEU B 93 13.12 -19.69 3.15
C LEU B 93 13.67 -21.10 2.94
N ASN B 94 14.94 -21.18 2.55
CA ASN B 94 15.64 -22.46 2.33
C ASN B 94 16.60 -22.70 3.50
N PHE B 95 16.17 -23.50 4.47
CA PHE B 95 16.97 -23.75 5.68
C PHE B 95 18.23 -24.58 5.45
N SER B 96 19.13 -24.16 4.57
CA SER B 96 20.38 -24.91 4.37
C SER B 96 21.63 -24.05 4.22
N ASN B 97 21.50 -22.78 3.83
CA ASN B 97 22.62 -21.89 3.55
C ASN B 97 22.79 -20.82 4.61
N VAL B 98 22.04 -20.91 5.71
CA VAL B 98 22.08 -19.89 6.75
C VAL B 98 23.24 -20.10 7.71
N ASP B 99 24.05 -19.06 7.85
CA ASP B 99 25.17 -19.03 8.78
C ASP B 99 24.59 -18.75 10.17
N TRP B 100 24.53 -19.80 11.00
CA TRP B 100 23.90 -19.76 12.32
C TRP B 100 24.72 -19.00 13.36
N SER B 101 26.03 -18.81 13.15
CA SER B 101 26.87 -18.06 14.09
C SER B 101 26.39 -16.62 14.25
N PHE B 102 25.99 -15.99 13.15
CA PHE B 102 25.45 -14.64 13.22
C PHE B 102 24.17 -14.65 14.05
N LEU B 103 23.34 -15.69 13.89
CA LEU B 103 22.06 -15.78 14.61
C LEU B 103 22.29 -15.88 16.12
N TYR B 104 23.24 -16.74 16.55
CA TYR B 104 23.49 -16.83 17.99
C TYR B 104 24.10 -15.55 18.54
N SER B 105 24.95 -14.88 17.76
CA SER B 105 25.55 -13.63 18.27
C SER B 105 24.50 -12.55 18.51
N ILE B 106 23.60 -12.34 17.55
CA ILE B 106 22.56 -11.32 17.77
C ILE B 106 21.61 -11.71 18.90
N LEU B 107 21.16 -12.98 18.95
CA LEU B 107 20.22 -13.33 20.02
C LEU B 107 20.85 -13.20 21.40
N ILE B 108 22.11 -13.61 21.56
CA ILE B 108 22.78 -13.45 22.85
C ILE B 108 22.95 -11.98 23.22
N ALA B 109 23.33 -11.14 22.25
CA ALA B 109 23.49 -9.70 22.48
C ALA B 109 22.18 -9.05 22.92
N LYS B 110 21.09 -9.39 22.25
CA LYS B 110 19.79 -8.84 22.61
C LYS B 110 19.39 -9.29 24.01
N ALA B 111 19.71 -10.55 24.36
CA ALA B 111 19.38 -11.03 25.69
C ALA B 111 20.14 -10.24 26.76
N SER B 112 21.43 -9.99 26.52
CA SER B 112 22.25 -9.26 27.49
C SER B 112 21.73 -7.83 27.67
N VAL B 113 21.40 -7.17 26.56
CA VAL B 113 20.87 -5.80 26.62
C VAL B 113 19.56 -5.77 27.41
N PHE B 114 18.70 -6.77 27.18
CA PHE B 114 17.44 -6.87 27.92
C PHE B 114 17.72 -7.04 29.42
N PHE B 115 18.73 -7.85 29.75
CA PHE B 115 19.02 -8.21 31.13
C PHE B 115 19.50 -7.00 31.93
N ILE B 116 20.42 -6.20 31.36
CA ILE B 116 20.98 -5.11 32.14
C ILE B 116 19.93 -4.02 32.39
N VAL B 117 19.09 -3.76 31.39
CA VAL B 117 18.07 -2.72 31.54
C VAL B 117 17.03 -3.16 32.55
N CYS B 118 16.61 -4.43 32.51
CA CYS B 118 15.61 -4.88 33.47
C CYS B 118 16.18 -4.85 34.89
N VAL B 119 17.45 -5.24 35.05
CA VAL B 119 18.03 -5.32 36.39
C VAL B 119 18.08 -3.93 37.02
N LEU B 120 18.62 -2.95 36.28
CA LEU B 120 18.71 -1.62 36.88
C LEU B 120 17.34 -0.97 37.01
N THR B 121 16.38 -1.31 36.14
CA THR B 121 15.03 -0.77 36.28
C THR B 121 14.43 -1.25 37.60
N LEU B 122 14.62 -2.54 37.92
CA LEU B 122 14.09 -3.05 39.17
C LEU B 122 14.80 -2.41 40.35
N LEU B 123 16.10 -2.11 40.19
CA LEU B 123 16.89 -1.59 41.30
C LEU B 123 16.61 -0.13 41.62
N VAL B 124 16.19 0.67 40.64
CA VAL B 124 16.11 2.11 40.82
C VAL B 124 14.68 2.67 40.89
N ALA B 125 13.73 2.11 40.14
CA ALA B 125 12.38 2.66 40.04
C ALA B 125 11.68 2.75 41.39
N SER B 126 10.76 3.72 41.49
CA SER B 126 10.02 3.98 42.72
C SER B 126 9.12 2.79 43.06
N PRO B 127 8.89 2.52 44.36
CA PRO B 127 8.08 1.34 44.71
C PRO B 127 6.67 1.30 44.18
N ASP B 128 5.95 2.44 44.11
CA ASP B 128 4.58 2.35 43.61
C ASP B 128 4.53 2.04 42.13
N SER B 129 5.54 2.47 41.37
CA SER B 129 5.58 2.25 39.93
C SER B 129 6.93 1.63 39.58
N ARG B 130 7.06 0.32 39.73
CA ARG B 130 8.34 -0.34 39.45
C ARG B 130 8.18 -1.54 38.52
N PHE B 131 7.09 -2.29 38.67
CA PHE B 131 6.92 -3.50 37.85
C PHE B 131 6.54 -3.14 36.42
N SER B 132 5.72 -2.09 36.24
CA SER B 132 5.36 -1.64 34.90
C SER B 132 6.60 -1.21 34.13
N LYS B 133 7.51 -0.48 34.79
CA LYS B 133 8.72 -0.04 34.11
C LYS B 133 9.63 -1.22 33.83
N ALA B 134 9.80 -2.12 34.79
CA ALA B 134 10.67 -3.26 34.54
C ALA B 134 10.10 -4.16 33.45
N GLY B 135 8.79 -4.14 33.25
CA GLY B 135 8.15 -4.93 32.23
C GLY B 135 8.12 -4.29 30.86
N LEU B 136 8.33 -2.97 30.78
CA LEU B 136 8.23 -2.27 29.50
C LEU B 136 9.54 -1.67 28.97
N PHE B 137 10.42 -1.19 29.85
CA PHE B 137 11.68 -0.60 29.37
C PHE B 137 12.55 -1.60 28.59
N PRO B 138 12.81 -2.83 29.07
CA PRO B 138 13.60 -3.76 28.25
C PRO B 138 13.03 -4.07 26.87
N ILE B 139 11.70 -4.09 26.69
CA ILE B 139 11.17 -4.20 25.33
C ILE B 139 11.48 -2.96 24.51
N PHE B 140 11.47 -1.78 25.16
CA PHE B 140 11.79 -0.55 24.45
C PHE B 140 13.23 -0.55 23.95
N ALA B 141 14.15 -1.08 24.74
CA ALA B 141 15.56 -0.96 24.41
C ALA B 141 16.07 -2.09 23.53
N THR B 142 15.18 -2.97 23.03
CA THR B 142 15.64 -4.09 22.21
C THR B 142 14.83 -4.36 20.93
N GLN B 143 13.70 -3.72 20.68
CA GLN B 143 12.85 -4.06 19.53
C GLN B 143 13.05 -3.11 18.36
N SER B 144 13.92 -3.49 17.44
CA SER B 144 14.31 -2.68 16.30
C SER B 144 13.17 -2.61 15.28
N ASN B 145 13.22 -1.58 14.42
CA ASN B 145 12.31 -1.41 13.29
C ASN B 145 12.90 -2.08 12.04
N ASP B 146 12.99 -3.40 12.05
CA ASP B 146 13.70 -4.13 11.00
C ASP B 146 13.02 -4.29 9.64
N PHE B 147 11.71 -4.51 9.59
CA PHE B 147 11.13 -4.78 8.27
C PHE B 147 10.97 -3.54 7.40
N ALA B 148 10.39 -2.49 7.98
CA ALA B 148 10.02 -1.25 7.31
C ALA B 148 11.25 -0.46 6.89
N LEU B 149 12.21 -0.33 7.78
CA LEU B 149 13.38 0.48 7.46
C LEU B 149 14.56 -0.43 7.18
N GLY B 150 14.67 -1.54 7.91
CA GLY B 150 15.81 -2.42 7.72
C GLY B 150 15.86 -3.08 6.35
N TYR B 151 14.72 -3.64 5.86
CA TYR B 151 14.81 -4.35 4.59
C TYR B 151 15.19 -3.49 3.38
N PRO B 152 14.56 -2.32 3.15
CA PRO B 152 14.96 -1.50 1.99
C PRO B 152 16.42 -1.06 2.00
N ILE B 153 16.98 -0.74 3.16
CA ILE B 153 18.38 -0.32 3.21
C ILE B 153 19.34 -1.48 2.99
N VAL B 154 19.08 -2.65 3.58
CA VAL B 154 19.94 -3.81 3.37
C VAL B 154 19.89 -4.26 1.91
N GLU B 155 18.72 -4.16 1.29
CA GLU B 155 18.56 -4.55 -0.11
C GLU B 155 19.40 -3.67 -1.03
N ALA B 156 19.41 -2.35 -0.77
CA ALA B 156 20.15 -1.42 -1.61
C ALA B 156 21.64 -1.70 -1.59
N LEU B 157 22.18 -1.97 -0.40
CA LEU B 157 23.61 -2.19 -0.22
C LEU B 157 24.05 -3.57 -0.67
N TYR B 158 23.19 -4.59 -0.48
CA TYR B 158 23.60 -5.98 -0.55
C TYR B 158 22.90 -6.80 -1.63
N GLN B 159 22.07 -6.20 -2.51
CA GLN B 159 21.44 -7.04 -3.51
C GLN B 159 22.46 -7.59 -4.52
N THR B 160 23.41 -6.78 -4.96
CA THR B 160 24.28 -7.31 -6.01
C THR B 160 25.53 -7.92 -5.41
N THR B 161 25.83 -7.59 -4.17
CA THR B 161 27.01 -8.05 -3.45
C THR B 161 26.52 -8.97 -2.33
N TYR B 162 26.91 -10.25 -2.37
CA TYR B 162 26.57 -11.22 -1.34
C TYR B 162 25.06 -11.32 -1.14
N PRO B 163 24.35 -11.98 -2.05
CA PRO B 163 22.88 -12.08 -1.95
C PRO B 163 22.31 -12.76 -0.71
N GLU B 164 23.07 -13.60 -0.01
CA GLU B 164 22.57 -14.31 1.17
C GLU B 164 22.35 -13.43 2.40
N TYR B 165 22.78 -12.16 2.42
CA TYR B 165 22.54 -11.34 3.61
C TYR B 165 21.11 -10.86 3.75
N LEU B 166 20.32 -10.78 2.67
CA LEU B 166 18.96 -10.28 2.78
C LEU B 166 18.08 -11.20 3.62
N GLN B 167 18.27 -12.51 3.50
CA GLN B 167 17.42 -13.50 4.14
C GLN B 167 17.54 -13.52 5.67
N TYR B 168 18.61 -12.97 6.24
CA TYR B 168 18.82 -12.95 7.68
C TYR B 168 17.82 -12.06 8.43
N ILE B 169 17.21 -11.10 7.74
CA ILE B 169 16.24 -10.21 8.36
C ILE B 169 15.01 -10.97 8.84
N TYR B 170 14.55 -11.95 8.05
CA TYR B 170 13.35 -12.69 8.41
C TYR B 170 13.63 -13.80 9.42
N LEU B 171 14.90 -14.08 9.73
CA LEU B 171 15.26 -15.05 10.76
C LEU B 171 15.52 -14.41 12.11
N VAL B 172 16.29 -13.31 12.14
CA VAL B 172 16.67 -12.71 13.42
C VAL B 172 15.48 -12.09 14.15
N ALA B 173 14.60 -11.39 13.44
CA ALA B 173 13.48 -10.69 14.08
C ALA B 173 12.45 -11.57 14.79
N PRO B 174 11.83 -12.59 14.15
CA PRO B 174 10.81 -13.37 14.87
C PRO B 174 11.30 -14.14 16.09
N ILE B 175 12.49 -14.72 16.06
CA ILE B 175 12.94 -15.48 17.22
C ILE B 175 13.13 -14.56 18.42
N SER B 176 13.74 -13.39 18.20
CA SER B 176 13.92 -12.44 19.29
C SER B 176 12.58 -11.96 19.85
N LEU B 177 11.61 -11.70 18.95
CA LEU B 177 10.29 -11.24 19.40
C LEU B 177 9.62 -12.32 20.25
N MET B 178 9.76 -13.58 19.82
CA MET B 178 9.11 -14.72 20.46
C MET B 178 9.71 -14.98 21.82
N MET B 179 11.01 -14.75 21.98
CA MET B 179 11.69 -15.13 23.19
C MET B 179 11.73 -14.01 24.21
N LEU B 180 11.55 -12.76 23.78
CA LEU B 180 11.68 -11.65 24.71
C LEU B 180 10.36 -10.96 25.08
N ASN B 181 9.42 -10.74 24.14
CA ASN B 181 8.16 -10.09 24.54
C ASN B 181 7.33 -10.81 25.61
N PRO B 182 7.18 -12.15 25.61
CA PRO B 182 6.39 -12.80 26.68
C PRO B 182 6.85 -12.50 28.09
N ILE B 183 8.16 -12.35 28.31
CA ILE B 183 8.67 -12.01 29.64
C ILE B 183 8.16 -10.65 30.09
N GLY B 184 8.18 -9.66 29.20
CA GLY B 184 7.68 -8.35 29.58
C GLY B 184 6.19 -8.40 29.88
N PHE B 185 5.41 -9.11 29.06
CA PHE B 185 3.99 -9.16 29.37
C PHE B 185 3.74 -9.91 30.69
N ILE B 186 4.64 -10.85 31.04
CA ILE B 186 4.51 -11.56 32.32
C ILE B 186 4.69 -10.57 33.45
N PHE B 187 5.70 -9.69 33.34
CA PHE B 187 5.97 -8.75 34.42
C PHE B 187 4.82 -7.77 34.56
N CYS B 188 4.33 -7.24 33.45
CA CYS B 188 3.24 -6.27 33.55
C CYS B 188 1.99 -6.91 34.14
N GLU B 189 1.68 -8.15 33.75
CA GLU B 189 0.55 -8.85 34.37
C GLU B 189 0.77 -9.05 35.87
N ILE B 190 2.02 -9.30 36.27
CA ILE B 190 2.36 -9.40 37.69
C ILE B 190 2.07 -8.07 38.39
N GLN B 191 2.36 -6.95 37.72
CA GLN B 191 2.02 -5.64 38.29
C GLN B 191 0.51 -5.49 38.45
N LYS B 192 -0.26 -5.94 37.45
CA LYS B 192 -1.71 -5.85 37.56
C LYS B 192 -2.22 -6.68 38.73
N TRP B 193 -1.66 -7.89 38.91
CA TRP B 193 -2.02 -8.74 40.03
C TRP B 193 -1.65 -8.10 41.37
N LYS B 194 -0.46 -7.48 41.45
CA LYS B 194 -0.03 -6.85 42.69
C LYS B 194 -0.95 -5.70 43.05
N ASP B 195 -1.28 -4.86 42.07
CA ASP B 195 -2.15 -3.72 42.33
C ASP B 195 -3.57 -4.17 42.64
N THR B 196 -3.91 -5.39 42.20
CA THR B 196 -5.22 -5.98 42.45
C THR B 196 -5.37 -6.57 43.84
N GLN B 197 -4.37 -6.42 44.73
CA GLN B 197 -4.44 -6.89 46.11
C GLN B 197 -4.50 -8.42 46.11
N ASN B 198 -3.40 -9.06 45.74
CA ASN B 198 -3.38 -10.51 45.63
C ASN B 198 -2.08 -11.06 46.23
N ALA B 199 -1.75 -12.28 45.83
CA ALA B 199 -0.57 -12.99 46.33
C ALA B 199 0.04 -13.86 45.24
N SER B 200 0.74 -14.92 45.63
CA SER B 200 1.26 -15.88 44.66
C SER B 200 0.25 -16.93 44.24
N GLN B 201 -1.04 -16.59 44.32
CA GLN B 201 -2.09 -17.56 44.06
C GLN B 201 -2.34 -17.61 42.56
N ASN B 202 -2.49 -18.82 42.04
CA ASN B 202 -2.73 -19.08 40.62
C ASN B 202 -1.54 -18.62 39.78
N LYS B 203 -0.37 -19.18 40.11
CA LYS B 203 0.88 -18.86 39.43
C LYS B 203 0.82 -19.28 37.97
N ILE B 204 -0.06 -20.25 37.68
CA ILE B 204 -0.28 -20.76 36.33
C ILE B 204 -0.92 -19.68 35.46
N LYS B 205 -1.90 -18.97 36.01
CA LYS B 205 -2.70 -18.00 35.26
C LYS B 205 -1.98 -16.75 34.80
N ILE B 206 -1.03 -16.22 35.57
CA ILE B 206 -0.26 -15.08 35.06
C ILE B 206 0.54 -15.46 33.81
N VAL B 207 1.18 -16.62 33.85
CA VAL B 207 1.90 -17.16 32.70
C VAL B 207 0.95 -17.42 31.53
N GLY B 208 -0.21 -18.04 31.79
CA GLY B 208 -1.13 -18.27 30.70
C GLY B 208 -1.68 -17.00 30.06
N LEU B 209 -1.99 -15.98 30.86
CA LEU B 209 -2.47 -14.75 30.23
C LEU B 209 -1.39 -14.09 29.39
N GLY B 210 -0.14 -14.08 29.88
CA GLY B 210 0.92 -13.50 29.07
C GLY B 210 1.15 -14.26 27.77
N LEU B 211 1.16 -15.60 27.85
CA LEU B 211 1.37 -16.38 26.64
C LEU B 211 0.22 -16.19 25.67
N LEU B 212 -1.02 -16.18 26.19
CA LEU B 212 -2.17 -16.02 25.31
C LEU B 212 -2.17 -14.66 24.64
N ARG B 213 -1.78 -13.60 25.36
CA ARG B 213 -1.76 -12.28 24.75
C ARG B 213 -0.68 -12.19 23.68
N VAL B 214 0.45 -12.88 23.89
CA VAL B 214 1.50 -12.89 22.88
C VAL B 214 1.06 -13.65 21.63
N LEU B 215 0.43 -14.82 21.84
CA LEU B 215 -0.03 -15.65 20.73
C LEU B 215 -1.14 -15.00 19.90
N GLN B 216 -2.07 -14.29 20.54
CA GLN B 216 -3.14 -13.68 19.75
C GLN B 216 -2.73 -12.51 18.87
N ASN B 217 -1.52 -11.97 19.00
CA ASN B 217 -1.06 -10.91 18.09
C ASN B 217 -0.93 -11.43 16.66
N PRO B 218 -1.50 -10.73 15.65
CA PRO B 218 -1.42 -11.23 14.26
C PRO B 218 -0.01 -11.32 13.69
N ILE B 219 0.98 -11.83 14.43
CA ILE B 219 2.34 -11.97 13.91
C ILE B 219 2.83 -13.40 14.18
N VAL B 220 2.61 -13.84 15.42
CA VAL B 220 3.07 -15.14 15.86
C VAL B 220 2.29 -16.24 15.16
N PHE B 221 0.98 -16.06 15.04
CA PHE B 221 0.17 -17.11 14.45
C PHE B 221 0.55 -17.31 12.98
N MET B 222 0.81 -16.22 12.27
CA MET B 222 1.16 -16.40 10.86
C MET B 222 2.61 -16.79 10.66
N VAL B 223 3.47 -16.59 11.66
CA VAL B 223 4.83 -17.09 11.54
C VAL B 223 4.82 -18.61 11.76
N PHE B 224 4.04 -19.07 12.75
CA PHE B 224 3.91 -20.50 12.99
C PHE B 224 3.30 -21.20 11.79
N ILE B 225 2.24 -20.60 11.21
CA ILE B 225 1.61 -21.20 10.04
C ILE B 225 2.59 -21.26 8.87
N GLY B 226 3.34 -20.17 8.64
CA GLY B 226 4.30 -20.18 7.55
C GLY B 226 5.40 -21.23 7.72
N ILE B 227 5.89 -21.41 8.95
CA ILE B 227 6.91 -22.42 9.19
C ILE B 227 6.33 -23.83 8.99
N ALA B 228 5.11 -24.06 9.46
CA ALA B 228 4.47 -25.36 9.30
C ALA B 228 4.26 -25.70 7.83
N PHE B 229 3.76 -24.73 7.06
CA PHE B 229 3.54 -24.98 5.65
C PHE B 229 4.83 -25.02 4.84
N ASN B 230 5.94 -24.53 5.39
CA ASN B 230 7.19 -24.66 4.65
C ASN B 230 7.57 -26.12 4.50
N PHE B 231 7.45 -26.90 5.57
CA PHE B 231 7.76 -28.32 5.51
C PHE B 231 6.62 -29.13 4.90
N ILE B 232 5.37 -28.72 5.15
CA ILE B 232 4.24 -29.51 4.67
C ILE B 232 4.13 -29.46 3.14
N LEU B 233 4.23 -28.25 2.58
CA LEU B 233 4.00 -28.07 1.14
C LEU B 233 5.28 -28.21 0.30
N ASP B 234 6.42 -28.45 0.95
CA ASP B 234 7.76 -28.60 0.35
C ASP B 234 8.16 -27.33 -0.44
N ARG B 235 8.34 -26.25 0.33
CA ARG B 235 8.98 -25.00 -0.10
C ARG B 235 8.47 -24.37 -1.41
N LYS B 236 7.27 -24.67 -1.89
CA LYS B 236 6.83 -24.07 -3.16
C LYS B 236 5.44 -23.52 -2.96
N VAL B 237 5.25 -22.24 -3.25
CA VAL B 237 3.92 -21.63 -3.12
C VAL B 237 2.99 -22.01 -4.27
N PRO B 238 1.72 -22.29 -3.97
CA PRO B 238 0.75 -22.61 -5.04
C PRO B 238 0.57 -21.45 -6.01
N VAL B 239 0.32 -21.79 -7.28
CA VAL B 239 0.23 -20.78 -8.34
C VAL B 239 -0.94 -19.83 -8.09
N TYR B 240 -2.10 -20.36 -7.70
CA TYR B 240 -3.26 -19.51 -7.47
C TYR B 240 -3.08 -18.50 -6.33
N VAL B 241 -2.20 -18.78 -5.36
CA VAL B 241 -2.09 -17.88 -4.20
C VAL B 241 -0.85 -17.01 -4.21
N GLU B 242 0.09 -17.20 -5.15
CA GLU B 242 1.31 -16.40 -5.14
C GLU B 242 0.99 -14.93 -5.37
N ASN B 243 0.21 -14.62 -6.41
CA ASN B 243 -0.07 -13.24 -6.73
C ASN B 243 -0.96 -12.61 -5.66
N PHE B 244 -1.85 -13.40 -5.05
CA PHE B 244 -2.67 -12.88 -3.96
C PHE B 244 -1.81 -12.48 -2.77
N LEU B 245 -0.77 -13.26 -2.47
CA LEU B 245 0.11 -12.91 -1.37
C LEU B 245 0.98 -11.71 -1.73
N ASP B 246 1.40 -11.61 -2.99
CA ASP B 246 2.27 -10.53 -3.43
C ASP B 246 1.55 -9.18 -3.46
N GLY B 247 0.27 -9.19 -3.81
CA GLY B 247 -0.52 -7.96 -3.79
C GLY B 247 -0.60 -7.33 -2.42
N LEU B 248 -0.83 -8.15 -1.39
CA LEU B 248 -0.86 -7.62 -0.03
C LEU B 248 0.55 -7.35 0.50
N GLY B 249 1.53 -8.16 0.10
CA GLY B 249 2.89 -7.98 0.59
C GLY B 249 3.56 -6.71 0.14
N ASN B 250 3.41 -6.33 -1.13
CA ASN B 250 4.11 -5.15 -1.63
C ASN B 250 3.49 -3.83 -1.17
N SER B 251 2.25 -3.84 -0.70
CA SER B 251 1.58 -2.63 -0.21
C SER B 251 1.97 -2.23 1.21
N PHE B 252 2.77 -3.04 1.91
CA PHE B 252 3.10 -2.75 3.30
C PHE B 252 4.11 -1.61 3.47
N SER B 253 5.19 -1.59 2.68
CA SER B 253 6.30 -0.66 2.94
C SER B 253 5.90 0.82 2.86
N GLY B 254 5.24 1.22 1.76
CA GLY B 254 4.85 2.62 1.61
C GLY B 254 3.80 3.07 2.60
N SER B 255 2.82 2.22 2.88
CA SER B 255 1.72 2.66 3.73
C SER B 255 2.15 2.62 5.19
N ALA B 256 3.03 1.67 5.53
CA ALA B 256 3.55 1.59 6.89
C ALA B 256 4.40 2.82 7.19
N LEU B 257 5.25 3.23 6.24
CA LEU B 257 6.04 4.45 6.44
C LEU B 257 5.14 5.67 6.55
N PHE B 258 4.12 5.77 5.68
CA PHE B 258 3.22 6.92 5.73
C PHE B 258 2.49 7.00 7.08
N TYR B 259 1.96 5.87 7.56
CA TYR B 259 1.28 5.90 8.86
C TYR B 259 2.26 6.16 9.99
N LEU B 260 3.52 5.73 9.85
CA LEU B 260 4.50 6.06 10.87
C LEU B 260 4.73 7.55 10.95
N GLY B 261 4.82 8.21 9.78
CA GLY B 261 4.95 9.66 9.80
C GLY B 261 3.72 10.34 10.39
N LEU B 262 2.54 9.84 10.03
CA LEU B 262 1.29 10.43 10.52
C LEU B 262 1.07 10.24 12.02
N THR B 263 1.73 9.26 12.64
CA THR B 263 1.51 8.98 14.06
C THR B 263 2.34 9.82 15.00
N MET B 264 3.35 10.54 14.51
CA MET B 264 4.24 11.35 15.33
C MET B 264 3.71 12.76 15.61
N VAL B 265 2.60 13.16 14.99
CA VAL B 265 2.12 14.53 15.00
C VAL B 265 1.68 14.91 16.42
N GLY B 266 2.45 15.80 17.07
CA GLY B 266 2.07 16.33 18.36
C GLY B 266 2.25 15.45 19.56
N LYS B 267 2.94 14.31 19.43
CA LYS B 267 3.05 13.36 20.53
C LYS B 267 4.18 13.68 21.51
N ILE B 268 5.19 14.45 21.10
CA ILE B 268 6.36 14.70 21.94
C ILE B 268 5.97 15.42 23.25
N LYS B 269 5.02 16.37 23.19
CA LYS B 269 4.42 16.99 24.37
C LYS B 269 5.45 17.74 25.22
N ARG B 270 5.02 18.30 26.36
CA ARG B 270 5.98 18.89 27.27
C ARG B 270 6.58 17.76 28.12
N LEU B 271 7.48 18.09 29.04
CA LEU B 271 8.09 17.06 29.86
C LEU B 271 8.46 17.60 31.25
N LYS B 272 9.29 16.82 31.94
CA LYS B 272 9.74 16.96 33.31
C LYS B 272 11.20 16.51 33.31
N LYS B 273 11.95 16.86 34.35
CA LYS B 273 13.31 16.35 34.48
C LYS B 273 13.41 14.83 34.44
N SER B 274 12.80 14.11 35.39
CA SER B 274 13.25 12.73 35.65
C SER B 274 12.97 11.88 34.43
N ALA B 275 11.76 12.04 33.87
CA ALA B 275 11.33 11.46 32.60
C ALA B 275 12.41 11.58 31.53
N PHE B 276 12.73 12.82 31.15
CA PHE B 276 13.78 13.13 30.20
C PHE B 276 15.11 12.42 30.49
N VAL B 277 15.63 12.51 31.72
CA VAL B 277 16.87 11.79 32.01
C VAL B 277 16.74 10.28 31.74
N VAL B 278 15.59 9.69 32.08
CA VAL B 278 15.33 8.29 31.71
C VAL B 278 15.38 8.09 30.20
N LEU B 279 14.75 9.00 29.45
CA LEU B 279 14.74 8.90 28.00
C LEU B 279 16.14 9.01 27.43
N ILE B 280 16.97 9.85 28.04
CA ILE B 280 18.34 10.06 27.59
C ILE B 280 19.10 8.76 27.71
N LEU B 281 18.93 8.09 28.85
CA LEU B 281 19.67 6.86 29.08
C LEU B 281 19.15 5.76 28.18
N LEU B 282 17.82 5.64 28.07
CA LEU B 282 17.25 4.54 27.28
C LEU B 282 17.66 4.59 25.81
N ILE B 283 17.55 5.77 25.18
CA ILE B 283 18.01 5.94 23.80
C ILE B 283 19.53 5.75 23.65
N THR B 284 20.32 6.23 24.63
CA THR B 284 21.76 5.99 24.55
C THR B 284 22.08 4.50 24.66
N ALA B 285 21.36 3.78 25.52
CA ALA B 285 21.54 2.34 25.70
C ALA B 285 21.25 1.59 24.42
N LYS B 286 20.13 1.88 23.77
CA LYS B 286 19.77 1.16 22.56
C LYS B 286 20.75 1.44 21.42
N LEU B 287 20.89 2.71 21.03
CA LEU B 287 21.64 3.08 19.84
C LEU B 287 23.13 2.84 20.03
N LEU B 288 23.65 3.01 21.25
CA LEU B 288 25.08 2.94 21.44
C LEU B 288 25.48 1.51 21.84
N VAL B 289 24.97 1.00 22.97
CA VAL B 289 25.56 -0.23 23.47
C VAL B 289 25.04 -1.48 22.74
N LEU B 290 23.90 -1.44 22.04
CA LEU B 290 23.56 -2.66 21.30
C LEU B 290 24.53 -3.00 20.16
N PRO B 291 24.85 -2.10 19.22
CA PRO B 291 25.78 -2.48 18.12
C PRO B 291 27.19 -2.90 18.54
N LEU B 292 27.76 -2.29 19.59
CA LEU B 292 29.08 -2.68 20.07
C LEU B 292 29.11 -4.13 20.56
N LEU B 293 28.10 -4.53 21.34
CA LEU B 293 28.02 -5.93 21.76
C LEU B 293 27.83 -6.84 20.56
N CYS B 294 26.98 -6.43 19.61
CA CYS B 294 26.73 -7.29 18.44
C CYS B 294 28.03 -7.52 17.66
N ARG B 295 28.82 -6.46 17.45
CA ARG B 295 30.07 -6.63 16.72
C ARG B 295 31.09 -7.43 17.50
N GLU B 296 31.25 -7.15 18.81
CA GLU B 296 32.26 -7.88 19.56
C GLU B 296 31.96 -9.37 19.61
N MET B 297 30.71 -9.73 19.87
CA MET B 297 30.34 -11.15 19.85
C MET B 297 30.50 -11.79 18.47
N VAL B 298 30.12 -11.08 17.39
CA VAL B 298 30.31 -11.64 16.05
C VAL B 298 31.79 -11.87 15.77
N GLU B 299 32.64 -10.96 16.24
CA GLU B 299 34.09 -11.12 16.09
C GLU B 299 34.62 -12.23 16.98
N LEU B 300 33.89 -12.58 18.03
CA LEU B 300 34.38 -13.59 18.97
C LEU B 300 33.97 -15.00 18.54
N LEU B 301 32.79 -15.16 17.93
CA LEU B 301 32.31 -16.52 17.64
C LEU B 301 32.57 -17.04 16.23
N ASP B 302 32.51 -16.18 15.20
CA ASP B 302 32.80 -16.65 13.85
C ASP B 302 34.29 -16.94 13.60
N LYS B 303 34.58 -18.18 13.22
CA LYS B 303 35.93 -18.64 12.92
C LYS B 303 35.93 -19.17 11.50
N GLY B 304 36.16 -18.30 10.52
CA GLY B 304 36.20 -18.67 9.12
C GLY B 304 37.49 -18.26 8.45
N ASP B 305 37.85 -19.00 7.40
CA ASP B 305 39.07 -18.77 6.64
C ASP B 305 38.95 -17.65 5.60
N SER B 306 37.76 -17.10 5.39
CA SER B 306 37.54 -16.03 4.41
C SER B 306 37.58 -14.68 5.12
N VAL B 307 38.65 -13.91 4.88
CA VAL B 307 38.80 -12.61 5.52
C VAL B 307 37.74 -11.63 5.00
N VAL B 308 37.50 -11.63 3.69
CA VAL B 308 36.52 -10.70 3.11
C VAL B 308 35.12 -10.97 3.66
N ASN B 309 34.73 -12.24 3.74
CA ASN B 309 33.45 -12.60 4.34
C ASN B 309 33.41 -12.24 5.82
N HIS B 310 34.53 -12.41 6.53
CA HIS B 310 34.58 -12.03 7.94
C HIS B 310 34.35 -10.53 8.12
N THR B 311 35.00 -9.73 7.27
CA THR B 311 34.86 -8.27 7.34
C THR B 311 33.45 -7.83 7.02
N SER B 312 32.89 -8.36 5.94
CA SER B 312 31.52 -8.00 5.56
C SER B 312 30.50 -8.44 6.62
N LEU B 313 30.65 -9.64 7.17
CA LEU B 313 29.72 -10.07 8.21
C LEU B 313 29.82 -9.21 9.46
N SER B 314 31.04 -8.82 9.86
CA SER B 314 31.17 -7.93 11.01
C SER B 314 30.55 -6.57 10.77
N ASN B 315 30.75 -6.00 9.58
CA ASN B 315 30.14 -4.72 9.27
C ASN B 315 28.63 -4.81 9.22
N TYR B 316 28.08 -5.88 8.61
CA TYR B 316 26.63 -6.02 8.56
C TYR B 316 26.06 -6.18 9.96
N ALA B 317 26.80 -6.87 10.83
CA ALA B 317 26.36 -7.06 12.21
C ALA B 317 26.29 -5.73 12.93
N PHE B 318 27.27 -4.86 12.68
CA PHE B 318 27.25 -3.52 13.30
C PHE B 318 26.06 -2.72 12.79
N LEU B 319 25.89 -2.67 11.47
CA LEU B 319 24.83 -1.88 10.86
C LEU B 319 23.44 -2.35 11.26
N TYR B 320 23.28 -3.64 11.59
CA TYR B 320 21.97 -4.16 11.94
C TYR B 320 21.39 -3.53 13.21
N GLY B 321 22.21 -3.32 14.23
CA GLY B 321 21.69 -2.85 15.52
C GLY B 321 21.30 -1.39 15.57
N VAL B 322 21.77 -0.57 14.64
CA VAL B 322 21.50 0.87 14.66
C VAL B 322 20.03 1.21 14.37
N PHE B 323 19.23 0.26 13.92
CA PHE B 323 17.85 0.52 13.53
C PHE B 323 17.01 1.09 14.67
N PRO B 324 16.10 2.02 14.39
CA PRO B 324 15.27 2.65 15.44
C PRO B 324 14.27 1.69 16.07
N VAL B 325 13.69 2.16 17.18
CA VAL B 325 12.71 1.39 17.95
C VAL B 325 11.46 1.15 17.11
N ALA B 326 10.96 -0.09 17.14
CA ALA B 326 9.80 -0.47 16.34
C ALA B 326 8.54 0.26 16.82
N PRO B 327 7.69 0.72 15.90
CA PRO B 327 6.46 1.43 16.32
C PRO B 327 5.46 0.59 17.09
N GLY B 328 5.53 -0.74 17.04
CA GLY B 328 4.59 -1.57 17.77
C GLY B 328 4.65 -1.42 19.27
N VAL B 329 5.78 -0.98 19.81
CA VAL B 329 5.92 -0.78 21.24
C VAL B 329 4.94 0.29 21.74
N ALA B 330 4.81 1.40 21.01
CA ALA B 330 3.80 2.39 21.37
C ALA B 330 2.38 1.85 21.27
N ILE B 331 2.10 0.96 20.32
CA ILE B 331 0.80 0.31 20.26
C ILE B 331 0.54 -0.51 21.52
N PHE B 332 1.57 -1.24 21.97
CA PHE B 332 1.47 -2.02 23.21
C PHE B 332 1.24 -1.11 24.41
N ALA B 333 1.93 0.03 24.45
CA ALA B 333 1.73 0.99 25.53
C ALA B 333 0.31 1.56 25.50
N THR B 334 -0.21 1.88 24.32
CA THR B 334 -1.56 2.42 24.22
C THR B 334 -2.60 1.40 24.68
N GLN B 335 -2.46 0.15 24.25
CA GLN B 335 -3.37 -0.90 24.69
C GLN B 335 -3.27 -1.12 26.21
N PHE B 336 -2.06 -1.10 26.76
CA PHE B 336 -1.96 -1.28 28.21
C PHE B 336 -2.27 0.01 29.00
N ASN B 337 -2.24 1.18 28.35
CA ASN B 337 -2.48 2.53 28.93
C ASN B 337 -1.68 2.81 30.22
N MET B 338 -0.35 2.86 30.15
CA MET B 338 0.42 3.10 31.37
C MET B 338 1.73 3.87 31.14
N GLU B 339 2.32 3.80 29.94
CA GLU B 339 3.56 4.55 29.65
C GLU B 339 3.54 5.11 28.23
N VAL B 340 2.39 5.58 27.76
CA VAL B 340 2.29 6.08 26.37
C VAL B 340 3.18 7.29 26.12
N GLU B 341 3.22 8.24 27.05
CA GLU B 341 3.99 9.46 26.83
C GLU B 341 5.50 9.21 26.68
N ILE B 342 6.06 8.38 27.56
CA ILE B 342 7.49 8.12 27.54
C ILE B 342 7.88 7.29 26.31
N ILE B 343 7.14 6.21 26.06
CA ILE B 343 7.48 5.32 24.95
C ILE B 343 7.28 6.02 23.61
N THR B 344 6.19 6.76 23.45
CA THR B 344 5.99 7.52 22.22
C THR B 344 7.08 8.57 21.99
N SER B 345 7.47 9.31 23.03
CA SER B 345 8.57 10.26 22.88
C SER B 345 9.87 9.53 22.52
N GLY B 346 10.08 8.38 23.13
CA GLY B 346 11.28 7.61 22.87
C GLY B 346 11.36 7.14 21.44
N MET B 347 10.25 6.62 20.91
CA MET B 347 10.24 6.12 19.54
C MET B 347 10.44 7.24 18.55
N VAL B 348 9.87 8.42 18.82
CA VAL B 348 10.03 9.55 17.90
C VAL B 348 11.49 10.02 17.87
N ILE B 349 12.08 10.21 19.05
CA ILE B 349 13.47 10.66 19.10
C ILE B 349 14.39 9.58 18.55
N SER B 350 14.08 8.30 18.80
CA SER B 350 14.93 7.22 18.33
C SER B 350 14.94 7.21 16.81
N THR B 351 13.78 7.47 16.20
CA THR B 351 13.71 7.51 14.74
C THR B 351 14.56 8.64 14.21
N PHE B 352 14.46 9.84 14.80
CA PHE B 352 15.26 10.96 14.31
C PHE B 352 16.77 10.78 14.45
N VAL B 353 17.25 10.35 15.62
CA VAL B 353 18.69 10.24 15.84
C VAL B 353 19.33 9.16 14.96
N SER B 354 18.56 8.15 14.56
CA SER B 354 19.12 7.04 13.78
C SER B 354 19.56 7.44 12.37
N ALA B 355 18.93 8.46 11.75
CA ALA B 355 19.27 8.82 10.38
C ALA B 355 20.73 9.23 10.15
N PRO B 356 21.33 10.19 10.90
CA PRO B 356 22.75 10.50 10.65
C PRO B 356 23.71 9.39 11.08
N ILE B 357 23.30 8.57 12.05
CA ILE B 357 24.18 7.55 12.61
C ILE B 357 24.47 6.47 11.58
N MET B 358 23.47 6.04 10.81
CA MET B 358 23.70 5.00 9.82
C MET B 358 24.68 5.46 8.74
N TYR B 359 24.54 6.71 8.31
CA TYR B 359 25.42 7.27 7.28
C TYR B 359 26.86 7.42 7.77
N VAL B 360 27.01 7.99 8.98
CA VAL B 360 28.36 8.20 9.52
C VAL B 360 29.02 6.86 9.80
N SER B 361 28.29 5.93 10.42
CA SER B 361 28.89 4.63 10.72
C SER B 361 29.26 3.87 9.46
N ALA B 362 28.39 3.94 8.42
CA ALA B 362 28.65 3.18 7.20
C ALA B 362 29.92 3.68 6.53
N TRP B 363 30.09 5.00 6.48
CA TRP B 363 31.27 5.51 5.79
C TRP B 363 32.48 5.45 6.70
N LEU B 364 32.28 5.29 8.01
CA LEU B 364 33.42 5.10 8.89
C LEU B 364 33.96 3.68 8.79
N LEU B 365 33.08 2.69 8.60
CA LEU B 365 33.58 1.32 8.44
C LEU B 365 34.15 1.09 7.05
N THR B 366 33.68 1.83 6.04
CA THR B 366 34.27 1.62 4.71
C THR B 366 35.50 2.50 4.47
N PHE B 367 35.91 3.32 5.44
CA PHE B 367 37.12 4.09 5.16
C PHE B 367 38.48 3.38 5.22
N PRO B 368 38.72 2.38 6.09
CA PRO B 368 40.12 1.98 6.32
C PRO B 368 40.85 1.30 5.15
N THR B 369 40.16 0.73 4.16
CA THR B 369 40.70 -0.26 3.24
C THR B 369 40.30 0.20 1.84
N MET B 370 41.05 1.15 1.30
CA MET B 370 40.84 1.70 -0.04
C MET B 370 42.07 2.52 -0.42
N ASP B 371 41.96 3.25 -1.52
CA ASP B 371 43.07 4.01 -2.08
C ASP B 371 43.16 5.35 -1.37
N PRO B 372 44.20 6.13 -1.62
CA PRO B 372 44.14 7.57 -1.30
C PRO B 372 43.09 8.38 -2.05
N LYS B 373 43.12 8.35 -3.38
CA LYS B 373 42.33 9.37 -4.06
C LYS B 373 40.84 9.02 -4.03
N PRO B 374 40.43 7.77 -4.29
CA PRO B 374 39.05 7.41 -3.91
C PRO B 374 38.65 7.79 -2.48
N LEU B 375 39.56 7.81 -1.49
CA LEU B 375 39.14 8.41 -0.22
C LEU B 375 38.88 9.90 -0.38
N ALA B 376 39.64 10.57 -1.27
CA ALA B 376 39.45 12.00 -1.38
C ALA B 376 38.05 12.28 -1.89
N TYR B 377 37.67 11.48 -2.90
CA TYR B 377 36.34 11.53 -3.49
C TYR B 377 35.29 11.17 -2.46
N ALA B 378 35.61 10.27 -1.53
CA ALA B 378 34.70 9.90 -0.45
C ALA B 378 34.35 11.08 0.44
N ILE B 379 35.38 11.81 0.89
CA ILE B 379 35.14 13.00 1.71
C ILE B 379 34.38 14.07 0.94
N GLN B 380 34.75 14.29 -0.34
CA GLN B 380 34.03 15.27 -1.14
C GLN B 380 32.56 14.90 -1.30
N ASN B 381 32.29 13.62 -1.58
CA ASN B 381 30.92 13.17 -1.81
C ASN B 381 30.09 13.29 -0.55
N VAL B 382 30.64 12.90 0.61
CA VAL B 382 29.90 13.01 1.86
C VAL B 382 29.57 14.46 2.19
N SER B 383 30.54 15.37 2.01
CA SER B 383 30.26 16.79 2.25
C SER B 383 29.19 17.31 1.30
N PHE B 384 29.24 16.86 0.05
CA PHE B 384 28.25 17.26 -0.95
C PHE B 384 26.86 16.80 -0.56
N ASP B 385 26.73 15.54 -0.14
CA ASP B 385 25.42 15.02 0.22
C ASP B 385 24.84 15.72 1.45
N ILE B 386 25.66 15.95 2.47
CA ILE B 386 25.16 16.60 3.69
C ILE B 386 24.72 18.05 3.45
N SER B 387 25.44 18.77 2.57
CA SER B 387 25.09 20.17 2.32
C SER B 387 23.70 20.38 1.74
N ILE B 388 23.20 19.44 0.92
CA ILE B 388 21.87 19.58 0.32
C ILE B 388 20.79 19.59 1.40
N VAL B 389 20.85 18.63 2.32
CA VAL B 389 19.81 18.52 3.34
C VAL B 389 19.91 19.68 4.31
N SER B 390 21.14 20.06 4.68
CA SER B 390 21.28 21.18 5.60
C SER B 390 20.74 22.47 4.98
N LEU B 391 21.01 22.70 3.68
CA LEU B 391 20.54 23.90 3.01
C LEU B 391 19.02 23.96 2.94
N ILE B 392 18.36 22.84 2.61
CA ILE B 392 16.89 22.87 2.53
C ILE B 392 16.26 23.07 3.91
N SER B 393 16.80 22.41 4.94
CA SER B 393 16.25 22.62 6.28
C SER B 393 16.45 24.06 6.74
N LEU B 394 17.62 24.65 6.45
CA LEU B 394 17.86 26.03 6.85
C LEU B 394 16.92 26.98 6.13
N ILE B 395 16.66 26.72 4.84
CA ILE B 395 15.76 27.59 4.07
C ILE B 395 14.37 27.57 4.68
N TRP B 396 13.88 26.38 5.05
CA TRP B 396 12.56 26.27 5.67
C TRP B 396 12.50 27.02 7.00
N SER B 397 13.47 26.75 7.90
CA SER B 397 13.46 27.37 9.22
C SER B 397 13.60 28.89 9.14
N LEU B 398 14.48 29.37 8.27
CA LEU B 398 14.67 30.81 8.11
C LEU B 398 13.42 31.46 7.54
N ALA B 399 12.78 30.83 6.56
CA ALA B 399 11.59 31.42 5.97
C ALA B 399 10.47 31.54 7.01
N ILE B 400 10.29 30.49 7.83
CA ILE B 400 9.25 30.56 8.86
C ILE B 400 9.60 31.64 9.88
N LEU B 401 10.88 31.78 10.22
CA LEU B 401 11.29 32.82 11.18
C LEU B 401 11.01 34.22 10.63
N LEU B 402 11.31 34.44 9.34
CA LEU B 402 11.12 35.75 8.72
C LEU B 402 9.64 36.10 8.60
N LEU B 403 8.82 35.16 8.14
CA LEU B 403 7.39 35.43 7.95
C LEU B 403 6.67 35.74 9.26
N SER B 404 7.05 35.07 10.35
CA SER B 404 6.38 35.32 11.63
C SER B 404 6.65 36.70 12.24
N LYS B 405 7.62 37.48 11.73
CA LYS B 405 7.93 38.85 12.19
C LYS B 405 8.48 38.85 13.62
N LYS B 406 8.87 37.67 14.12
CA LYS B 406 9.48 37.50 15.44
C LYS B 406 10.98 37.82 15.45
N TYR B 407 11.56 38.08 14.27
CA TYR B 407 12.96 38.44 14.03
C TYR B 407 13.36 39.79 14.65
N LYS B 408 12.37 40.67 14.86
CA LYS B 408 12.44 42.04 15.39
C LYS B 408 12.71 42.19 16.87
N GLN B 409 12.77 41.13 17.67
CA GLN B 409 12.91 41.41 19.10
C GLN B 409 14.35 41.19 19.54
N LEU B 410 14.62 41.14 20.86
CA LEU B 410 16.00 40.95 21.31
C LEU B 410 16.71 39.62 21.02
N PRO B 411 16.22 38.44 21.42
CA PRO B 411 17.10 37.28 21.29
C PRO B 411 17.03 36.60 19.94
N HIS B 412 15.85 36.63 19.30
CA HIS B 412 15.62 35.93 18.05
C HIS B 412 16.46 36.51 16.92
N MET B 413 16.80 37.80 17.01
CA MET B 413 17.59 38.41 15.95
C MET B 413 18.95 37.74 15.80
N LEU B 414 19.65 37.50 16.93
CA LEU B 414 20.94 36.82 16.86
C LEU B 414 20.83 35.39 16.33
N THR B 415 19.75 34.67 16.65
CA THR B 415 19.61 33.32 16.08
C THR B 415 19.46 33.40 14.57
N THR B 416 18.66 34.36 14.09
CA THR B 416 18.47 34.55 12.65
C THR B 416 19.80 34.87 11.96
N ASN B 417 20.61 35.70 12.62
CA ASN B 417 21.96 35.98 12.12
C ASN B 417 22.81 34.71 12.06
N LEU B 418 22.71 33.86 13.08
CA LEU B 418 23.48 32.61 13.10
C LEU B 418 23.06 31.71 11.93
N LEU B 419 21.75 31.56 11.73
CA LEU B 419 21.25 30.70 10.66
C LEU B 419 21.65 31.22 9.29
N ILE B 420 21.69 32.54 9.10
CA ILE B 420 22.16 33.09 7.82
C ILE B 420 23.60 32.70 7.56
N ALA B 421 24.45 32.77 8.60
CA ALA B 421 25.85 32.37 8.46
C ALA B 421 25.99 30.89 8.09
N GLN B 422 25.20 30.03 8.76
CA GLN B 422 25.24 28.61 8.42
C GLN B 422 24.76 28.37 6.99
N SER B 423 23.78 29.15 6.54
CA SER B 423 23.29 29.06 5.17
C SER B 423 24.40 29.40 4.18
N ILE B 424 25.17 30.45 4.50
CA ILE B 424 26.26 30.85 3.61
C ILE B 424 27.32 29.76 3.57
N VAL B 425 27.58 29.10 4.70
CA VAL B 425 28.58 28.03 4.74
C VAL B 425 28.16 26.88 3.82
N CYS B 426 26.90 26.45 3.91
CA CYS B 426 26.40 25.38 3.04
C CYS B 426 26.41 25.79 1.56
N ALA B 427 25.98 27.03 1.25
CA ALA B 427 26.00 27.50 -0.13
C ALA B 427 27.43 27.55 -0.67
N GLY B 428 28.36 28.00 0.17
CA GLY B 428 29.75 28.09 -0.19
C GLY B 428 30.30 26.72 -0.52
N MET B 429 29.92 25.70 0.26
CA MET B 429 30.39 24.34 -0.01
C MET B 429 29.86 23.82 -1.34
N MET B 430 28.59 24.12 -1.62
CA MET B 430 28.02 23.75 -2.91
C MET B 430 28.71 24.41 -4.09
N ILE B 431 28.98 25.71 -4.00
CA ILE B 431 29.76 26.39 -5.04
C ILE B 431 31.19 25.85 -5.10
N TRP B 432 31.72 25.46 -3.95
CA TRP B 432 33.11 25.03 -3.84
C TRP B 432 33.39 23.72 -4.57
N ASN B 433 32.50 22.72 -4.45
CA ASN B 433 32.84 21.38 -4.93
C ASN B 433 33.07 21.35 -6.44
N PHE B 434 32.33 22.14 -7.21
CA PHE B 434 32.44 22.12 -8.66
C PHE B 434 33.56 23.03 -9.19
N VAL B 435 34.53 23.40 -8.35
CA VAL B 435 35.45 24.47 -8.70
C VAL B 435 36.86 24.00 -9.11
N LYS B 436 37.27 22.78 -8.74
CA LYS B 436 38.67 22.38 -8.91
C LYS B 436 39.12 22.45 -10.37
N GLU B 437 38.19 22.27 -11.31
CA GLU B 437 38.52 22.19 -12.73
C GLU B 437 38.27 23.52 -13.43
N LYS B 438 38.05 24.58 -12.66
CA LYS B 438 37.64 25.88 -13.19
C LYS B 438 38.62 26.96 -12.74
N ASN B 439 38.18 28.21 -12.87
CA ASN B 439 39.01 29.40 -12.71
C ASN B 439 39.70 29.46 -11.35
N PHE B 440 41.03 29.58 -11.39
CA PHE B 440 41.86 29.63 -10.19
C PHE B 440 41.51 30.82 -9.31
N VAL B 441 41.13 31.95 -9.93
CA VAL B 441 40.75 33.15 -9.20
C VAL B 441 39.51 32.90 -8.34
N GLY B 442 38.55 32.13 -8.85
CA GLY B 442 37.38 31.76 -8.07
C GLY B 442 37.67 30.97 -6.81
N GLN B 443 38.77 30.22 -6.79
CA GLN B 443 39.20 29.53 -5.57
C GLN B 443 39.32 30.46 -4.35
N ILE B 444 40.00 31.60 -4.50
CA ILE B 444 40.29 32.46 -3.35
C ILE B 444 39.04 33.13 -2.77
N LEU B 445 38.15 33.69 -3.61
CA LEU B 445 36.98 34.39 -3.06
C LEU B 445 36.11 33.41 -2.26
N VAL B 446 35.92 32.20 -2.78
CA VAL B 446 35.15 31.19 -2.07
C VAL B 446 35.87 30.76 -0.79
N PHE B 447 37.21 30.67 -0.83
CA PHE B 447 37.95 30.30 0.39
C PHE B 447 37.71 31.33 1.49
N VAL B 448 37.80 32.62 1.12
CA VAL B 448 37.63 33.71 2.07
C VAL B 448 36.21 33.68 2.61
N LEU B 449 35.23 33.46 1.72
CA LEU B 449 33.83 33.44 2.12
C LEU B 449 33.58 32.31 3.11
N LEU B 450 34.17 31.15 2.84
CA LEU B 450 33.92 29.96 3.64
C LEU B 450 34.47 30.15 5.04
N TYR B 451 35.72 30.61 5.15
CA TYR B 451 36.26 30.64 6.51
C TYR B 451 35.79 31.88 7.27
N SER B 452 35.42 32.96 6.56
CA SER B 452 34.81 34.11 7.20
C SER B 452 33.46 33.75 7.82
N SER B 453 32.63 32.99 7.08
CA SER B 453 31.34 32.59 7.63
C SER B 453 31.49 31.52 8.71
N LEU B 454 32.41 30.57 8.54
CA LEU B 454 32.60 29.54 9.57
C LEU B 454 33.04 30.19 10.89
N TYR B 455 33.98 31.14 10.81
CA TYR B 455 34.42 31.88 11.99
C TYR B 455 33.27 32.70 12.57
N SER B 456 32.44 33.30 11.71
CA SER B 456 31.31 34.06 12.21
C SER B 456 30.35 33.15 12.97
N THR B 457 30.12 31.93 12.48
CA THR B 457 29.25 30.98 13.18
C THR B 457 29.80 30.63 14.55
N TYR B 458 31.13 30.45 14.64
CA TYR B 458 31.78 30.21 15.93
C TYR B 458 31.57 31.39 16.89
N LEU B 459 31.78 32.62 16.41
CA LEU B 459 31.64 33.75 17.32
C LEU B 459 30.18 34.00 17.67
N TRP B 460 29.27 33.79 16.71
CA TRP B 460 27.85 33.99 16.95
C TRP B 460 27.32 33.06 18.03
N THR B 461 27.87 31.86 18.15
CA THR B 461 27.43 30.97 19.24
C THR B 461 27.75 31.58 20.60
N GLY B 462 28.95 32.14 20.75
CA GLY B 462 29.29 32.79 22.01
C GLY B 462 28.48 34.04 22.25
N LEU B 463 28.24 34.83 21.20
CA LEU B 463 27.44 36.04 21.38
C LEU B 463 26.02 35.69 21.80
N LEU B 464 25.47 34.60 21.25
CA LEU B 464 24.14 34.14 21.65
C LEU B 464 24.14 33.75 23.12
N ALA B 465 25.18 33.04 23.58
CA ALA B 465 25.25 32.63 24.97
C ALA B 465 25.34 33.85 25.90
N ILE B 466 26.17 34.82 25.54
CA ILE B 466 26.34 36.02 26.36
C ILE B 466 25.02 36.80 26.43
N SER B 467 24.33 36.94 25.29
CA SER B 467 23.03 37.59 25.29
C SER B 467 22.00 36.86 26.16
N LEU B 468 22.02 35.52 26.14
CA LEU B 468 21.16 34.78 27.07
C LEU B 468 21.55 35.05 28.52
N PHE B 469 22.85 35.22 28.79
CA PHE B 469 23.30 35.55 30.14
C PHE B 469 22.74 36.89 30.59
N LEU B 470 22.75 37.86 29.67
CA LEU B 470 22.33 39.22 29.99
C LEU B 470 20.81 39.34 30.07
N LEU B 471 20.06 38.59 29.27
CA LEU B 471 18.61 38.79 29.18
C LEU B 471 17.88 38.49 30.48
N LYS B 472 18.13 37.32 31.08
CA LYS B 472 17.43 36.92 32.30
C LYS B 472 17.74 37.78 33.52
N LYS B 473 18.87 38.49 33.54
CA LYS B 473 19.22 39.37 34.65
C LYS B 473 19.52 40.72 34.02
N ARG B 474 20.17 41.62 34.76
CA ARG B 474 20.62 42.89 34.20
C ARG B 474 19.48 43.80 33.76
N GLU B 475 18.81 44.48 34.68
CA GLU B 475 17.83 45.44 34.24
C GLU B 475 18.55 46.74 33.85
N ARG B 476 17.91 47.49 32.95
CA ARG B 476 18.39 48.73 32.34
C ARG B 476 19.57 48.39 31.42
N VAL B 477 20.16 49.40 30.77
CA VAL B 477 21.34 49.24 29.91
C VAL B 477 21.07 48.18 28.85
N GLN B 478 20.24 48.52 27.87
CA GLN B 478 19.90 47.57 26.82
C GLN B 478 21.06 47.34 25.86
N ILE B 479 21.08 46.15 25.28
CA ILE B 479 22.14 45.65 24.42
C ILE B 479 22.29 46.46 23.15
N PRO B 480 23.48 47.01 22.87
CA PRO B 480 23.73 47.73 21.62
C PRO B 480 23.91 46.72 20.50
N VAL B 481 22.79 46.30 19.91
CA VAL B 481 22.77 45.27 18.86
C VAL B 481 23.63 45.64 17.66
N GLY B 482 23.72 46.93 17.33
CA GLY B 482 24.60 47.35 16.26
C GLY B 482 26.05 46.98 16.53
N ILE B 483 26.50 47.13 17.77
CA ILE B 483 27.85 46.74 18.17
C ILE B 483 28.05 45.24 17.99
N ILE B 484 27.08 44.42 18.42
CA ILE B 484 27.21 42.98 18.26
C ILE B 484 27.27 42.59 16.79
N ILE B 485 26.42 43.18 15.94
CA ILE B 485 26.47 42.90 14.51
C ILE B 485 27.81 43.30 13.89
N ILE B 486 28.32 44.48 14.27
CA ILE B 486 29.63 44.92 13.77
C ILE B 486 30.74 43.97 14.23
N SER B 487 30.73 43.56 15.50
CA SER B 487 31.78 42.65 15.97
C SER B 487 31.68 41.30 15.27
N GLY B 488 30.44 40.80 15.11
CA GLY B 488 30.18 39.50 14.53
C GLY B 488 30.58 39.40 13.08
N TRP B 489 30.60 40.52 12.37
CA TRP B 489 30.96 40.45 10.96
C TRP B 489 32.36 41.00 10.71
N GLY B 490 32.76 42.08 11.37
CA GLY B 490 34.07 42.64 11.15
C GLY B 490 35.21 41.74 11.62
N ILE B 491 35.06 41.10 12.79
CA ILE B 491 36.14 40.27 13.33
C ILE B 491 36.48 39.08 12.40
N PRO B 492 35.51 38.26 11.95
CA PRO B 492 35.87 37.18 11.01
C PRO B 492 36.51 37.68 9.72
N ALA B 493 36.08 38.82 9.20
CA ALA B 493 36.69 39.35 7.99
C ALA B 493 38.16 39.70 8.21
N LEU B 494 38.48 40.32 9.35
CA LEU B 494 39.87 40.64 9.65
C LEU B 494 40.71 39.37 9.80
N LEU B 495 40.16 38.36 10.47
CA LEU B 495 40.87 37.09 10.63
C LEU B 495 41.10 36.42 9.28
N VAL B 496 40.08 36.47 8.40
CA VAL B 496 40.18 35.91 7.06
C VAL B 496 41.26 36.63 6.26
N GLY B 497 41.29 37.97 6.34
CA GLY B 497 42.32 38.70 5.62
C GLY B 497 43.71 38.37 6.11
N VAL B 498 43.86 38.19 7.42
CA VAL B 498 45.17 37.82 7.97
C VAL B 498 45.60 36.46 7.42
N LEU B 499 44.66 35.51 7.39
CA LEU B 499 44.97 34.18 6.83
C LEU B 499 45.26 34.27 5.34
N LEU B 500 44.57 35.17 4.65
CA LEU B 500 44.71 35.39 3.21
C LEU B 500 46.11 35.89 2.86
N ILE B 501 46.66 36.79 3.66
CA ILE B 501 47.96 37.37 3.31
C ILE B 501 49.09 36.40 3.59
N THR B 502 49.03 35.67 4.70
CA THR B 502 50.13 34.80 5.08
C THR B 502 49.87 33.36 4.65
N GLY B 503 50.79 32.83 3.84
CA GLY B 503 50.64 31.50 3.27
C GLY B 503 50.80 31.41 1.77
N LYS B 504 51.44 30.34 1.31
CA LYS B 504 51.59 30.05 -0.12
C LYS B 504 50.54 29.05 -0.57
N HIS B 505 49.78 29.41 -1.61
CA HIS B 505 48.70 28.57 -2.10
C HIS B 505 49.25 27.25 -2.64
N ASN B 506 48.57 26.15 -2.29
CA ASN B 506 48.88 24.83 -2.85
C ASN B 506 47.82 24.46 -3.88
N GLY B 507 48.19 24.56 -5.16
CA GLY B 507 47.25 24.32 -6.24
C GLY B 507 46.81 22.88 -6.41
N ASP B 508 47.63 21.93 -5.97
CA ASP B 508 47.32 20.51 -6.12
C ASP B 508 46.60 19.90 -4.92
N SER B 509 46.29 20.67 -3.89
CA SER B 509 45.61 20.16 -2.72
C SER B 509 44.11 20.27 -2.96
N ILE B 510 43.44 19.14 -3.19
CA ILE B 510 41.99 19.15 -3.43
C ILE B 510 41.31 19.02 -2.07
N ASP B 511 41.28 20.14 -1.34
CA ASP B 511 40.65 20.25 -0.02
C ASP B 511 40.72 21.69 0.45
N SER B 512 39.66 22.16 1.12
CA SER B 512 39.67 23.53 1.63
C SER B 512 40.65 23.71 2.79
N ALA B 513 40.91 22.64 3.54
CA ALA B 513 41.75 22.74 4.73
C ALA B 513 43.23 22.99 4.48
N PHE B 514 43.74 22.83 3.26
CA PHE B 514 45.18 22.99 3.09
C PHE B 514 45.56 23.96 1.98
N PHE B 515 44.76 25.00 1.74
CA PHE B 515 45.14 25.96 0.71
C PHE B 515 46.43 26.70 1.10
N TYR B 516 46.50 27.14 2.36
CA TYR B 516 47.66 27.79 2.95
C TYR B 516 48.35 26.94 4.00
N GLY B 517 48.02 25.65 4.09
CA GLY B 517 48.74 24.78 5.03
C GLY B 517 48.48 25.09 6.49
N LYS B 518 49.57 25.18 7.25
CA LYS B 518 49.53 25.24 8.72
C LYS B 518 48.85 26.49 9.28
N GLU B 519 49.06 27.66 8.67
CA GLU B 519 48.54 28.91 9.24
C GLU B 519 47.00 28.97 9.37
N GLN B 520 46.23 28.55 8.35
CA GLN B 520 44.78 28.54 8.53
C GLN B 520 44.36 27.58 9.64
N MET B 521 44.96 26.39 9.66
CA MET B 521 44.58 25.36 10.61
C MET B 521 44.84 25.79 12.06
N ILE B 522 45.96 26.47 12.31
CA ILE B 522 46.27 26.93 13.67
C ILE B 522 45.24 27.95 14.15
N THR B 523 44.80 28.84 13.26
CA THR B 523 43.82 29.88 13.57
C THR B 523 42.47 29.31 14.01
N THR B 524 42.01 28.22 13.38
CA THR B 524 40.74 27.62 13.74
C THR B 524 40.72 27.15 15.19
N ALA B 525 41.81 26.53 15.65
CA ALA B 525 41.86 26.05 17.04
C ALA B 525 41.75 27.21 18.02
N VAL B 526 42.44 28.31 17.76
CA VAL B 526 42.40 29.49 18.61
C VAL B 526 40.99 30.09 18.64
N THR B 527 40.35 30.17 17.47
CA THR B 527 39.00 30.72 17.36
C THR B 527 37.99 29.91 18.16
N LEU B 528 38.08 28.57 18.08
CA LEU B 528 37.17 27.72 18.84
C LEU B 528 37.36 27.88 20.34
N PHE B 529 38.60 28.00 20.80
CA PHE B 529 38.87 28.13 22.23
C PHE B 529 38.27 29.40 22.80
N CYS B 530 38.40 30.52 22.09
CA CYS B 530 37.82 31.79 22.57
C CYS B 530 36.30 31.71 22.64
N SER B 531 35.66 31.12 21.63
CA SER B 531 34.20 31.02 21.63
C SER B 531 33.69 30.13 22.76
N ILE B 532 34.36 28.99 22.98
CA ILE B 532 33.93 28.05 24.03
C ILE B 532 34.02 28.68 25.41
N LEU B 533 35.14 29.37 25.69
CA LEU B 533 35.29 30.03 26.99
C LEU B 533 34.25 31.13 27.19
N ILE B 534 34.00 31.94 26.16
CA ILE B 534 33.02 33.01 26.28
C ILE B 534 31.62 32.44 26.48
N ALA B 535 31.25 31.45 25.64
CA ALA B 535 29.95 30.81 25.77
C ALA B 535 29.82 30.01 27.08
N GLY B 536 30.88 29.30 27.46
CA GLY B 536 30.83 28.48 28.66
C GLY B 536 30.69 29.28 29.94
N ILE B 537 31.43 30.37 30.07
CA ILE B 537 31.43 31.15 31.30
C ILE B 537 30.06 31.74 31.57
N SER B 538 29.41 32.27 30.52
CA SER B 538 28.09 32.86 30.67
C SER B 538 27.05 31.84 31.09
N LEU B 539 27.11 30.64 30.52
CA LEU B 539 26.07 29.63 30.77
C LEU B 539 26.08 29.17 32.23
N MET B 540 27.25 28.90 32.80
CA MET B 540 27.34 28.49 34.20
C MET B 540 26.90 29.61 35.14
N CYS B 541 27.06 30.87 34.73
CA CYS B 541 26.58 31.99 35.53
C CYS B 541 25.06 32.04 35.59
N MET B 542 24.39 31.66 34.51
CA MET B 542 22.92 31.64 34.49
C MET B 542 22.36 30.64 35.50
N ASN B 543 22.94 29.44 35.56
CA ASN B 543 22.49 28.42 36.51
C ASN B 543 22.67 28.88 37.96
N GLN B 544 23.81 29.47 38.27
CA GLN B 544 24.04 29.95 39.63
C GLN B 544 23.15 31.13 39.97
N THR B 545 23.01 32.08 39.05
CA THR B 545 22.21 33.29 39.29
C THR B 545 20.73 32.95 39.48
N GLN B 654 12.30 32.27 23.43
CA GLN B 654 11.89 31.61 24.67
C GLN B 654 13.06 30.87 25.32
N LEU B 655 13.27 31.15 26.61
CA LEU B 655 14.38 30.58 27.37
C LEU B 655 14.35 29.06 27.32
N THR B 656 13.23 28.47 27.76
CA THR B 656 12.98 27.02 27.86
C THR B 656 13.61 26.22 26.73
N ARG B 657 13.65 26.77 25.52
CA ARG B 657 14.26 26.06 24.39
C ARG B 657 15.65 26.60 24.07
N HIS B 658 15.75 27.90 23.71
CA HIS B 658 17.00 28.61 23.41
C HIS B 658 18.24 28.02 24.06
N VAL B 659 18.22 27.92 25.39
CA VAL B 659 19.35 27.42 26.19
C VAL B 659 19.89 26.12 25.62
N LEU B 660 18.99 25.20 25.23
CA LEU B 660 19.38 23.88 24.74
C LEU B 660 20.18 23.97 23.45
N LEU B 661 19.79 24.86 22.52
CA LEU B 661 20.57 25.04 21.30
C LEU B 661 21.99 25.47 21.60
N CYS B 662 22.19 26.32 22.61
CA CYS B 662 23.54 26.64 23.07
C CYS B 662 24.24 25.41 23.64
N LEU B 663 23.53 24.63 24.47
CA LEU B 663 24.12 23.46 25.12
C LEU B 663 24.58 22.41 24.12
N LEU B 664 23.74 22.11 23.12
CA LEU B 664 24.13 21.12 22.12
C LEU B 664 25.30 21.60 21.26
N LEU B 665 25.31 22.90 20.92
CA LEU B 665 26.41 23.44 20.13
C LEU B 665 27.74 23.37 20.86
N ILE B 666 27.74 23.73 22.16
CA ILE B 666 28.97 23.70 22.96
C ILE B 666 29.55 22.29 23.02
N ILE B 667 28.69 21.28 23.13
CA ILE B 667 29.14 19.88 23.06
C ILE B 667 29.82 19.60 21.73
N GLY B 668 29.26 20.15 20.64
CA GLY B 668 29.85 19.96 19.33
C GLY B 668 31.21 20.61 19.16
N LEU B 669 31.35 21.86 19.65
CA LEU B 669 32.62 22.57 19.48
C LEU B 669 33.77 21.89 20.22
N PHE B 670 33.49 21.27 21.37
CA PHE B 670 34.52 20.55 22.09
C PHE B 670 35.05 19.38 21.27
N ALA B 671 34.15 18.64 20.62
CA ALA B 671 34.55 17.51 19.79
C ALA B 671 35.41 17.95 18.61
N ASN B 672 35.03 19.05 17.96
CA ASN B 672 35.82 19.57 16.85
C ASN B 672 37.20 20.01 17.32
N LEU B 673 37.27 20.69 18.46
CA LEU B 673 38.54 21.21 18.96
C LEU B 673 39.55 20.10 19.23
N SER B 674 39.11 18.99 19.84
CA SER B 674 40.01 17.86 20.08
C SER B 674 40.55 17.29 18.77
N SER B 675 39.72 17.29 17.71
CA SER B 675 40.20 16.85 16.40
C SER B 675 41.31 17.76 15.88
N CYS B 676 41.14 19.07 16.05
CA CYS B 676 42.17 20.04 15.69
C CYS B 676 43.46 19.84 16.48
N LEU B 677 43.33 19.62 17.79
CA LEU B 677 44.50 19.48 18.65
C LEU B 677 45.34 18.25 18.31
N TRP B 678 44.70 17.13 17.98
CA TRP B 678 45.45 15.90 17.70
C TRP B 678 46.39 16.04 16.50
N TRP B 679 45.91 16.65 15.42
CA TRP B 679 46.73 16.76 14.20
C TRP B 679 47.95 17.66 14.38
N LEU B 680 47.79 18.81 15.05
CA LEU B 680 48.88 19.79 15.14
C LEU B 680 50.05 19.32 16.01
N PHE B 681 49.80 18.51 17.04
CA PHE B 681 50.84 18.11 17.99
C PHE B 681 51.56 16.81 17.64
N ASN B 682 50.96 15.92 16.86
CA ASN B 682 51.63 14.66 16.53
C ASN B 682 52.00 14.65 15.05
N GLN B 683 53.16 15.25 14.77
CA GLN B 683 53.79 15.42 13.46
C GLN B 683 52.85 15.74 12.31
N GLU B 684 53.11 15.11 11.17
CA GLU B 684 52.41 15.18 9.90
C GLU B 684 51.50 13.98 9.74
N PRO B 685 50.16 14.24 9.61
CA PRO B 685 49.16 13.18 9.36
C PRO B 685 49.06 12.15 10.48
N GLY B 686 47.96 12.22 11.21
CA GLY B 686 47.72 11.35 12.33
C GLY B 686 47.35 9.95 11.89
N ARG B 687 47.13 9.08 12.88
CA ARG B 687 46.77 7.70 12.59
C ARG B 687 45.46 7.61 11.83
N LEU B 688 44.56 8.59 12.00
CA LEU B 688 43.31 8.61 11.22
C LEU B 688 43.06 10.06 10.76
N TYR B 689 43.80 10.48 9.74
CA TYR B 689 43.56 11.79 9.14
C TYR B 689 42.21 11.85 8.44
N VAL B 690 41.85 10.76 7.74
CA VAL B 690 40.56 10.69 7.05
C VAL B 690 39.42 10.78 8.04
N GLU B 691 39.54 10.05 9.16
CA GLU B 691 38.53 10.11 10.22
C GLU B 691 38.42 11.50 10.82
N LEU B 692 39.55 12.16 11.06
CA LEU B 692 39.49 13.51 11.62
C LEU B 692 38.81 14.47 10.65
N GLN B 693 39.23 14.45 9.38
CA GLN B 693 38.64 15.35 8.39
C GLN B 693 37.15 15.08 8.22
N PHE B 694 36.75 13.81 8.21
CA PHE B 694 35.34 13.45 8.17
C PHE B 694 34.58 14.01 9.36
N PHE B 695 35.21 14.01 10.54
CA PHE B 695 34.54 14.61 11.70
C PHE B 695 34.35 16.11 11.53
N CYS B 696 35.37 16.80 11.01
CA CYS B 696 35.22 18.24 10.80
C CYS B 696 34.12 18.53 9.77
N ALA B 697 34.08 17.74 8.70
CA ALA B 697 33.06 17.91 7.67
C ALA B 697 31.65 17.70 8.22
N VAL B 698 31.46 16.66 9.04
CA VAL B 698 30.14 16.43 9.64
C VAL B 698 29.75 17.54 10.60
N PHE B 699 30.67 17.98 11.47
CA PHE B 699 30.26 19.00 12.42
C PHE B 699 30.20 20.39 11.82
N ASN B 700 30.80 20.59 10.65
CA ASN B 700 30.74 21.88 9.98
C ASN B 700 29.52 22.03 9.10
N PHE B 701 29.17 21.01 8.30
CA PHE B 701 28.06 21.18 7.39
C PHE B 701 26.73 20.67 7.92
N GLY B 702 26.70 19.97 9.07
CA GLY B 702 25.44 19.47 9.59
C GLY B 702 24.79 20.29 10.69
N GLN B 703 25.40 21.41 11.09
CA GLN B 703 24.86 22.25 12.16
C GLN B 703 23.48 22.82 11.85
N GLY B 704 23.22 23.13 10.57
CA GLY B 704 21.91 23.61 10.18
C GLY B 704 20.78 22.65 10.48
N PHE B 705 21.03 21.35 10.29
CA PHE B 705 20.01 20.35 10.61
C PHE B 705 19.65 20.39 12.09
N ILE B 706 20.66 20.52 12.95
CA ILE B 706 20.43 20.58 14.40
C ILE B 706 19.63 21.82 14.75
N SER B 707 19.99 22.97 14.15
CA SER B 707 19.26 24.21 14.42
C SER B 707 17.81 24.09 13.95
N PHE B 708 17.61 23.49 12.77
CA PHE B 708 16.28 23.34 12.16
C PHE B 708 15.39 22.51 13.07
N GLY B 709 15.94 21.42 13.62
CA GLY B 709 15.13 20.54 14.45
C GLY B 709 14.50 21.26 15.63
N ILE B 710 15.25 22.15 16.27
CA ILE B 710 14.72 22.88 17.43
C ILE B 710 13.82 24.03 16.99
N PHE B 711 14.32 24.91 16.12
CA PHE B 711 13.59 26.15 15.80
C PHE B 711 12.53 26.01 14.71
N GLY B 712 12.86 25.36 13.59
CA GLY B 712 11.96 25.35 12.44
C GLY B 712 10.66 24.61 12.71
N LEU B 713 10.74 23.43 13.32
CA LEU B 713 9.54 22.61 13.55
C LEU B 713 8.86 23.06 14.84
N ASP B 714 8.39 24.30 14.80
CA ASP B 714 7.68 24.95 15.91
C ASP B 714 6.43 25.63 15.38
N LYS B 715 5.41 25.70 16.24
CA LYS B 715 4.15 26.32 15.85
C LYS B 715 4.23 27.83 16.06
N HIS B 716 4.00 28.58 14.99
CA HIS B 716 4.01 30.04 15.05
C HIS B 716 2.95 30.57 14.09
N LEU B 717 1.93 31.22 14.64
CA LEU B 717 0.84 31.77 13.85
C LEU B 717 1.37 32.78 12.82
N ILE B 718 0.96 32.61 11.57
CA ILE B 718 1.39 33.50 10.50
C ILE B 718 0.60 34.80 10.54
#